data_4MKS
#
_entry.id   4MKS
#
_cell.length_a   145.240
_cell.length_b   145.240
_cell.length_c   99.860
_cell.angle_alpha   90.00
_cell.angle_beta   90.00
_cell.angle_gamma   90.00
#
_symmetry.space_group_name_H-M   'I 4'
#
loop_
_entity.id
_entity.type
_entity.pdbx_description
1 polymer 'Enolase 2'
2 non-polymer 'CHLORIDE ION'
3 non-polymer 'MAGNESIUM ION'
4 water water
#
_entity_poly.entity_id   1
_entity_poly.type   'polypeptide(L)'
_entity_poly.pdbx_seq_one_letter_code
;MSVITDIHAREVLDSRGNPTAEAEVYTELGGFGRAIVPSGASTGEHEAVELRDGDKSRFGGQGVLTAVENVNGEIAKAVI
GLDVTDQRLIDQTMIDLDGTPNKGRLGANAILSVSLASARAAADELGLPLYEYLGGPNAHVLPTPMMNVINGGKHADNNV
DIQEFMIMPVGAKSLHEAVRMGAETFHTLKGLLQERGESTAVGDEGGFAPNLKNNEEPFEILVEAIQRAGYKPGQDIAIA
FDCAASEFYNKDTKKYVTVADGREYTAEEWTSLIEDLVDKYPVISVEDPLDENDWEGWKTFTERLGDKVQIVGDDLFVTN
TSYLEKGIKMGVANSILIKLNQIGTLTETFEAIEMAKEAGYTAVVSHRSGETEDTTIADLVVATNAGQIKTGSMSRTDRI
AKYNQLMRIEEALGSTAQYKGIHSFYNLHKQFLEHHHHHH
;
_entity_poly.pdbx_strand_id   A,B
#
# COMPACT_ATOMS: atom_id res chain seq x y z
N VAL A 3 15.84 8.08 26.90
CA VAL A 3 17.04 8.29 26.08
C VAL A 3 17.11 7.29 24.93
N ILE A 4 17.39 7.80 23.73
CA ILE A 4 17.62 6.95 22.56
C ILE A 4 18.89 6.13 22.73
N THR A 5 18.78 4.83 22.52
CA THR A 5 19.91 3.92 22.72
C THR A 5 20.45 3.34 21.41
N ASP A 6 19.59 3.30 20.39
CA ASP A 6 20.02 2.78 19.10
C ASP A 6 19.22 3.39 17.95
N ILE A 7 19.87 3.52 16.80
CA ILE A 7 19.25 4.04 15.58
C ILE A 7 19.74 3.21 14.41
N HIS A 8 18.81 2.71 13.60
CA HIS A 8 19.17 1.89 12.45
C HIS A 8 18.33 2.21 11.21
N ALA A 9 18.99 2.31 10.07
CA ALA A 9 18.31 2.61 8.82
C ALA A 9 18.51 1.52 7.78
N ARG A 10 17.58 1.44 6.83
CA ARG A 10 17.69 0.48 5.74
C ARG A 10 17.03 1.02 4.48
N GLU A 11 17.39 0.44 3.35
CA GLU A 11 16.81 0.83 2.07
C GLU A 11 15.60 -0.07 1.77
N VAL A 12 14.43 0.55 1.62
CA VAL A 12 13.24 -0.19 1.21
C VAL A 12 12.66 0.45 -0.05
N LEU A 13 11.49 -0.02 -0.48
CA LEU A 13 10.89 0.43 -1.74
C LEU A 13 9.61 1.24 -1.54
N ASP A 14 9.41 2.25 -2.38
CA ASP A 14 8.17 3.02 -2.32
C ASP A 14 7.09 2.44 -3.24
N SER A 15 5.99 3.17 -3.40
CA SER A 15 4.84 2.67 -4.16
C SER A 15 5.07 2.57 -5.67
N ARG A 16 6.13 3.21 -6.16
CA ARG A 16 6.49 3.12 -7.59
C ARG A 16 7.62 2.13 -7.80
N GLY A 17 8.03 1.48 -6.72
CA GLY A 17 9.13 0.52 -6.80
C GLY A 17 10.48 1.19 -6.83
N ASN A 18 10.57 2.39 -6.23
CA ASN A 18 11.84 3.11 -6.13
C ASN A 18 12.34 3.13 -4.69
N PRO A 19 13.66 2.98 -4.52
CA PRO A 19 14.27 2.93 -3.18
C PRO A 19 13.99 4.18 -2.37
N THR A 20 13.80 4.02 -1.07
CA THR A 20 13.69 5.16 -0.15
C THR A 20 14.20 4.73 1.22
N ALA A 21 14.33 5.70 2.13
CA ALA A 21 14.95 5.44 3.42
C ALA A 21 13.92 5.08 4.50
N GLU A 22 14.23 4.03 5.25
CA GLU A 22 13.46 3.67 6.43
C GLU A 22 14.39 3.71 7.63
N ALA A 23 13.93 4.28 8.74
CA ALA A 23 14.75 4.34 9.95
C ALA A 23 14.02 3.82 11.17
N GLU A 24 14.78 3.29 12.13
CA GLU A 24 14.21 2.80 13.37
C GLU A 24 14.91 3.45 14.57
N VAL A 25 14.13 3.75 15.61
CA VAL A 25 14.68 4.33 16.82
C VAL A 25 14.31 3.48 18.03
N TYR A 26 15.31 3.15 18.85
CA TYR A 26 15.10 2.37 20.06
C TYR A 26 15.40 3.24 21.28
N THR A 27 14.63 3.09 22.35
CA THR A 27 14.88 3.85 23.56
C THR A 27 15.22 2.95 24.75
N GLU A 28 15.79 3.56 25.80
CA GLU A 28 16.22 2.86 27.00
C GLU A 28 15.07 2.12 27.69
N LEU A 29 13.87 2.71 27.64
CA LEU A 29 12.69 2.13 28.26
C LEU A 29 12.09 1.03 27.38
N GLY A 30 12.67 0.84 26.20
CA GLY A 30 12.18 -0.19 25.29
C GLY A 30 11.19 0.32 24.27
N GLY A 31 11.13 1.65 24.12
CA GLY A 31 10.27 2.24 23.11
C GLY A 31 10.82 1.91 21.73
N PHE A 32 9.94 1.79 20.74
CA PHE A 32 10.36 1.50 19.38
C PHE A 32 9.55 2.31 18.37
N GLY A 33 10.24 2.87 17.39
CA GLY A 33 9.59 3.61 16.33
C GLY A 33 10.23 3.33 14.99
N ARG A 34 9.40 3.20 13.96
CA ARG A 34 9.89 2.98 12.60
C ARG A 34 9.15 3.87 11.62
N ALA A 35 9.90 4.60 10.80
CA ALA A 35 9.30 5.52 9.83
C ALA A 35 9.90 5.35 8.45
N ILE A 36 9.09 5.60 7.42
CA ILE A 36 9.57 5.54 6.05
C ILE A 36 9.35 6.87 5.33
N VAL A 37 10.32 7.26 4.51
CA VAL A 37 10.28 8.54 3.81
C VAL A 37 9.65 8.40 2.42
N PRO A 38 8.67 9.26 2.10
CA PRO A 38 8.04 9.25 0.78
C PRO A 38 8.91 10.00 -0.23
N SER A 39 8.54 9.97 -1.50
CA SER A 39 9.32 10.65 -2.54
C SER A 39 8.42 11.20 -3.64
N GLY A 40 8.66 12.44 -4.04
CA GLY A 40 7.86 13.06 -5.07
C GLY A 40 8.33 12.75 -6.47
N ALA A 41 7.43 12.87 -7.44
CA ALA A 41 7.81 12.80 -8.85
C ALA A 41 7.96 14.22 -9.37
N SER A 42 6.93 15.03 -9.12
CA SER A 42 6.96 16.44 -9.48
C SER A 42 7.48 17.28 -8.31
N THR A 43 8.76 17.11 -7.99
CA THR A 43 9.38 17.85 -6.89
C THR A 43 9.65 19.30 -7.29
N GLY A 44 9.18 20.24 -6.48
CA GLY A 44 9.46 21.64 -6.70
C GLY A 44 10.95 21.90 -6.57
N GLU A 45 11.46 22.90 -7.28
CA GLU A 45 12.91 23.12 -7.32
C GLU A 45 13.50 23.54 -5.98
N HIS A 46 12.66 24.05 -5.07
CA HIS A 46 13.15 24.56 -3.79
C HIS A 46 12.95 23.60 -2.62
N GLU A 47 12.64 22.34 -2.92
CA GLU A 47 12.51 21.33 -1.88
C GLU A 47 13.87 20.98 -1.31
N ALA A 48 13.89 20.56 -0.05
CA ALA A 48 15.12 20.09 0.58
C ALA A 48 15.64 18.89 -0.20
N VAL A 49 16.95 18.64 -0.11
CA VAL A 49 17.59 17.65 -0.97
C VAL A 49 17.26 16.20 -0.65
N GLU A 50 16.67 15.51 -1.62
CA GLU A 50 16.51 14.06 -1.56
C GLU A 50 17.78 13.42 -2.09
N LEU A 51 18.56 12.82 -1.19
CA LEU A 51 19.88 12.29 -1.56
C LEU A 51 19.80 10.92 -2.21
N ARG A 52 20.27 10.82 -3.44
CA ARG A 52 20.29 9.57 -4.20
C ARG A 52 21.73 9.12 -4.45
N ASP A 53 21.93 7.82 -4.63
CA ASP A 53 23.29 7.28 -4.78
C ASP A 53 23.92 7.60 -6.13
N GLY A 54 23.16 7.40 -7.21
CA GLY A 54 23.66 7.65 -8.54
C GLY A 54 24.45 6.49 -9.11
N ASP A 55 24.39 5.35 -8.44
CA ASP A 55 25.00 4.12 -8.95
C ASP A 55 24.04 3.47 -9.93
N LYS A 56 24.30 3.63 -11.21
CA LYS A 56 23.37 3.15 -12.24
C LYS A 56 23.34 1.64 -12.41
N SER A 57 24.12 0.92 -11.61
CA SER A 57 24.07 -0.53 -11.61
C SER A 57 23.07 -1.02 -10.55
N ARG A 58 22.53 -0.07 -9.80
CA ARG A 58 21.50 -0.36 -8.80
C ARG A 58 20.32 0.59 -8.98
N PHE A 59 19.16 0.01 -9.33
CA PHE A 59 17.91 0.77 -9.46
C PHE A 59 18.04 1.97 -10.40
N GLY A 60 18.91 1.85 -11.41
CA GLY A 60 19.13 2.93 -12.34
C GLY A 60 19.64 4.21 -11.69
N GLY A 61 20.35 4.05 -10.57
CA GLY A 61 20.94 5.19 -9.87
C GLY A 61 20.06 5.75 -8.77
N GLN A 62 18.96 5.07 -8.48
CA GLN A 62 17.98 5.58 -7.51
C GLN A 62 18.16 5.03 -6.10
N GLY A 63 19.27 4.35 -5.85
CA GLY A 63 19.54 3.82 -4.51
C GLY A 63 19.68 4.92 -3.48
N VAL A 64 19.44 4.59 -2.22
CA VAL A 64 19.60 5.55 -1.13
C VAL A 64 20.51 5.00 -0.03
N LEU A 65 21.49 4.21 -0.44
CA LEU A 65 22.44 3.61 0.50
C LEU A 65 23.27 4.65 1.23
N THR A 66 23.53 5.77 0.57
CA THR A 66 24.31 6.85 1.17
C THR A 66 23.53 7.54 2.28
N ALA A 67 22.26 7.86 2.00
CA ALA A 67 21.38 8.44 3.00
C ALA A 67 21.24 7.48 4.19
N VAL A 68 21.13 6.19 3.87
CA VAL A 68 21.04 5.16 4.90
C VAL A 68 22.32 5.11 5.74
N GLU A 69 23.47 5.16 5.08
CA GLU A 69 24.75 5.15 5.80
C GLU A 69 24.94 6.43 6.60
N ASN A 70 24.38 7.52 6.11
CA ASN A 70 24.44 8.79 6.82
C ASN A 70 23.67 8.73 8.14
N VAL A 71 22.58 7.98 8.15
CA VAL A 71 21.83 7.75 9.37
C VAL A 71 22.61 6.83 10.31
N ASN A 72 23.04 5.69 9.79
CA ASN A 72 23.71 4.66 10.59
C ASN A 72 25.03 5.12 11.20
N GLY A 73 25.67 6.09 10.57
CA GLY A 73 26.95 6.60 11.05
C GLY A 73 26.80 7.94 11.77
N GLU A 74 26.90 9.02 11.01
CA GLU A 74 26.93 10.37 11.58
C GLU A 74 25.73 10.73 12.46
N ILE A 75 24.53 10.53 11.92
CA ILE A 75 23.31 10.91 12.63
C ILE A 75 23.12 10.09 13.91
N ALA A 76 23.36 8.78 13.82
CA ALA A 76 23.25 7.91 14.97
C ALA A 76 24.19 8.35 16.09
N LYS A 77 25.41 8.74 15.74
CA LYS A 77 26.38 9.18 16.75
C LYS A 77 26.00 10.51 17.38
N ALA A 78 25.33 11.36 16.62
CA ALA A 78 24.92 12.68 17.10
C ALA A 78 23.62 12.64 17.91
N VAL A 79 22.76 11.67 17.62
CA VAL A 79 21.41 11.62 18.21
C VAL A 79 21.26 10.60 19.34
N ILE A 80 21.95 9.46 19.25
CA ILE A 80 21.93 8.48 20.33
C ILE A 80 22.42 9.11 21.63
N GLY A 81 21.62 8.99 22.69
CA GLY A 81 21.93 9.63 23.95
C GLY A 81 21.04 10.82 24.23
N LEU A 82 20.35 11.30 23.20
CA LEU A 82 19.38 12.38 23.37
C LEU A 82 18.06 11.79 23.87
N ASP A 83 17.32 12.57 24.65
CA ASP A 83 16.02 12.12 25.11
C ASP A 83 15.08 12.02 23.91
N VAL A 84 14.35 10.91 23.81
CA VAL A 84 13.52 10.63 22.65
C VAL A 84 12.36 11.63 22.50
N THR A 85 11.92 12.20 23.62
CA THR A 85 10.81 13.15 23.62
C THR A 85 11.27 14.56 23.26
N ASP A 86 12.58 14.76 23.21
CA ASP A 86 13.15 16.05 22.84
C ASP A 86 13.21 16.23 21.32
N GLN A 87 12.04 16.31 20.70
CA GLN A 87 11.93 16.37 19.24
C GLN A 87 12.64 17.57 18.63
N ARG A 88 12.45 18.76 19.21
CA ARG A 88 13.06 19.97 18.67
C ARG A 88 14.58 19.93 18.72
N LEU A 89 15.13 19.38 19.80
CA LEU A 89 16.58 19.25 19.93
C LEU A 89 17.12 18.21 18.96
N ILE A 90 16.43 17.08 18.84
CA ILE A 90 16.80 16.02 17.92
C ILE A 90 16.87 16.55 16.49
N ASP A 91 15.85 17.30 16.09
CA ASP A 91 15.80 17.86 14.74
C ASP A 91 16.86 18.92 14.52
N GLN A 92 17.05 19.80 15.49
CA GLN A 92 18.05 20.86 15.36
C GLN A 92 19.47 20.30 15.34
N THR A 93 19.68 19.24 16.12
CA THR A 93 20.97 18.55 16.14
C THR A 93 21.31 18.05 14.75
N MET A 94 20.33 17.47 14.06
CA MET A 94 20.54 16.95 12.71
C MET A 94 20.71 18.09 11.70
N ILE A 95 19.95 19.17 11.88
CA ILE A 95 20.06 20.33 11.00
C ILE A 95 21.46 20.94 11.07
N ASP A 96 21.98 21.11 12.28
CA ASP A 96 23.32 21.67 12.49
C ASP A 96 24.40 20.71 12.01
N LEU A 97 24.20 19.42 12.25
CA LEU A 97 25.15 18.40 11.83
C LEU A 97 25.36 18.41 10.33
N ASP A 98 24.25 18.52 9.58
CA ASP A 98 24.32 18.62 8.13
C ASP A 98 25.08 19.87 7.71
N GLY A 99 24.72 21.01 8.30
CA GLY A 99 25.45 22.24 8.10
C GLY A 99 25.08 23.05 6.87
N THR A 100 24.19 22.51 6.04
CA THR A 100 23.76 23.21 4.83
C THR A 100 22.27 23.56 4.90
N PRO A 101 21.89 24.69 4.29
CA PRO A 101 20.49 25.16 4.35
C PRO A 101 19.47 24.22 3.72
N ASN A 102 19.88 23.42 2.73
CA ASN A 102 18.94 22.53 2.06
C ASN A 102 19.09 21.05 2.44
N LYS A 103 19.84 20.79 3.52
CA LYS A 103 20.11 19.44 3.98
C LYS A 103 20.74 18.58 2.89
N GLY A 104 21.57 19.21 2.06
CA GLY A 104 22.17 18.53 0.93
C GLY A 104 23.37 17.66 1.24
N ARG A 105 23.89 17.77 2.47
CA ARG A 105 25.05 16.97 2.85
C ARG A 105 24.65 15.56 3.30
N LEU A 106 23.77 15.48 4.28
CA LEU A 106 23.31 14.20 4.81
C LEU A 106 22.07 13.70 4.05
N GLY A 107 21.32 14.64 3.49
CA GLY A 107 20.09 14.30 2.78
C GLY A 107 18.88 14.52 3.66
N ALA A 108 17.86 15.17 3.10
CA ALA A 108 16.61 15.38 3.83
C ALA A 108 15.92 14.04 4.09
N ASN A 109 16.11 13.08 3.20
CA ASN A 109 15.52 11.76 3.39
C ASN A 109 16.17 11.00 4.55
N ALA A 110 17.47 11.21 4.74
CA ALA A 110 18.16 10.62 5.89
C ALA A 110 17.68 11.26 7.18
N ILE A 111 17.59 12.59 7.19
CA ILE A 111 17.22 13.35 8.37
C ILE A 111 15.76 13.14 8.79
N LEU A 112 14.84 13.16 7.82
CA LEU A 112 13.43 12.99 8.11
C LEU A 112 13.10 11.61 8.65
N SER A 113 13.82 10.60 8.15
CA SER A 113 13.60 9.22 8.58
C SER A 113 13.83 9.07 10.09
N VAL A 114 14.89 9.70 10.58
CA VAL A 114 15.20 9.68 12.01
C VAL A 114 14.25 10.57 12.79
N SER A 115 13.94 11.73 12.21
CA SER A 115 13.02 12.69 12.84
C SER A 115 11.67 12.07 13.19
N LEU A 116 11.10 11.36 12.23
CA LEU A 116 9.78 10.76 12.40
C LEU A 116 9.83 9.51 13.26
N ALA A 117 10.87 8.71 13.08
CA ALA A 117 11.04 7.48 13.86
C ALA A 117 11.22 7.82 15.35
N SER A 118 11.86 8.96 15.62
CA SER A 118 12.03 9.44 16.99
C SER A 118 10.68 9.74 17.63
N ALA A 119 9.85 10.50 16.92
CA ALA A 119 8.53 10.87 17.43
C ALA A 119 7.68 9.63 17.71
N ARG A 120 7.79 8.63 16.83
CA ARG A 120 7.06 7.38 16.98
C ARG A 120 7.57 6.58 18.17
N ALA A 121 8.89 6.54 18.34
CA ALA A 121 9.48 5.81 19.46
C ALA A 121 9.09 6.47 20.77
N ALA A 122 8.97 7.79 20.75
CA ALA A 122 8.55 8.55 21.92
C ALA A 122 7.09 8.24 22.28
N ALA A 123 6.23 8.27 21.27
CA ALA A 123 4.83 7.90 21.47
C ALA A 123 4.71 6.48 21.98
N ASP A 124 5.55 5.60 21.46
CA ASP A 124 5.52 4.18 21.85
C ASP A 124 5.89 3.97 23.31
N GLU A 125 6.94 4.63 23.78
CA GLU A 125 7.39 4.45 25.16
C GLU A 125 6.45 5.11 26.17
N LEU A 126 5.73 6.13 25.73
CA LEU A 126 4.77 6.82 26.58
C LEU A 126 3.42 6.10 26.60
N GLY A 127 3.27 5.10 25.73
CA GLY A 127 2.02 4.36 25.65
C GLY A 127 0.90 5.17 25.01
N LEU A 128 1.28 6.10 24.14
CA LEU A 128 0.33 6.99 23.50
C LEU A 128 0.20 6.70 22.00
N PRO A 129 -1.02 6.84 21.47
CA PRO A 129 -1.20 6.81 20.01
C PRO A 129 -0.45 7.99 19.42
N LEU A 130 0.06 7.88 18.20
CA LEU A 130 0.93 8.92 17.64
C LEU A 130 0.28 10.31 17.62
N TYR A 131 -0.98 10.38 17.21
CA TYR A 131 -1.69 11.66 17.12
C TYR A 131 -1.85 12.30 18.49
N GLU A 132 -1.99 11.48 19.52
CA GLU A 132 -2.12 11.97 20.88
C GLU A 132 -0.81 12.57 21.36
N TYR A 133 0.29 11.87 21.11
CA TYR A 133 1.61 12.37 21.48
C TYR A 133 1.95 13.65 20.71
N LEU A 134 1.69 13.64 19.41
CA LEU A 134 2.06 14.77 18.54
C LEU A 134 1.28 16.04 18.84
N GLY A 135 0.01 15.90 19.20
CA GLY A 135 -0.86 17.06 19.34
C GLY A 135 -1.37 17.35 20.74
N GLY A 136 -1.19 16.41 21.67
CA GLY A 136 -1.67 16.60 23.02
C GLY A 136 -3.13 16.25 23.18
N PRO A 137 -3.71 16.61 24.35
CA PRO A 137 -5.08 16.25 24.72
C PRO A 137 -6.21 16.83 23.85
N ASN A 138 -5.93 17.84 23.03
CA ASN A 138 -6.97 18.41 22.17
C ASN A 138 -6.81 18.06 20.68
N ALA A 139 -6.00 17.05 20.40
CA ALA A 139 -5.94 16.49 19.05
C ALA A 139 -7.22 15.69 18.84
N HIS A 140 -8.08 16.14 17.93
CA HIS A 140 -9.40 15.53 17.80
C HIS A 140 -10.10 15.76 16.46
N VAL A 141 -9.61 16.71 15.67
CA VAL A 141 -10.28 17.02 14.41
C VAL A 141 -9.82 16.14 13.26
N LEU A 142 -10.75 15.40 12.68
CA LEU A 142 -10.47 14.58 11.51
C LEU A 142 -10.56 15.41 10.24
N PRO A 143 -9.64 15.17 9.30
CA PRO A 143 -9.52 16.05 8.13
C PRO A 143 -10.58 15.77 7.07
N THR A 144 -11.00 16.83 6.40
CA THR A 144 -11.79 16.71 5.18
C THR A 144 -10.82 16.34 4.08
N PRO A 145 -10.95 15.14 3.52
CA PRO A 145 -9.96 14.66 2.54
C PRO A 145 -10.29 15.06 1.11
N MET A 146 -9.28 15.49 0.37
CA MET A 146 -9.43 15.68 -1.08
C MET A 146 -8.79 14.51 -1.82
N MET A 147 -9.60 13.83 -2.63
CA MET A 147 -9.19 12.54 -3.21
C MET A 147 -8.92 12.60 -4.71
N ASN A 148 -7.69 12.32 -5.11
CA ASN A 148 -7.25 12.42 -6.50
C ASN A 148 -7.73 11.27 -7.39
N VAL A 149 -8.94 11.40 -7.93
CA VAL A 149 -9.54 10.30 -8.69
C VAL A 149 -9.33 10.37 -10.22
N ILE A 150 -8.96 11.54 -10.73
CA ILE A 150 -8.66 11.71 -12.16
C ILE A 150 -7.38 12.54 -12.33
N ASN A 151 -6.54 12.19 -13.30
CA ASN A 151 -5.24 12.82 -13.47
C ASN A 151 -5.07 13.53 -14.82
N GLY A 152 -4.01 14.33 -14.92
CA GLY A 152 -3.64 14.97 -16.17
C GLY A 152 -2.17 15.36 -16.14
N GLY A 153 -1.40 14.67 -15.31
CA GLY A 153 0.03 14.90 -15.19
C GLY A 153 0.83 13.67 -15.60
N ASP A 157 -0.65 12.03 -19.43
CA ASP A 157 -0.44 12.01 -20.87
C ASP A 157 -1.75 12.13 -21.65
N ASN A 158 -2.29 13.35 -21.66
CA ASN A 158 -3.55 13.66 -22.35
C ASN A 158 -3.61 15.13 -22.72
N ASN A 159 -4.76 15.60 -23.21
CA ASN A 159 -4.90 17.00 -23.59
C ASN A 159 -5.27 17.90 -22.41
N VAL A 160 -5.07 17.37 -21.21
CA VAL A 160 -5.40 18.08 -19.98
C VAL A 160 -4.13 18.50 -19.24
N ASP A 161 -4.02 19.79 -18.95
CA ASP A 161 -2.80 20.35 -18.37
C ASP A 161 -2.77 20.24 -16.86
N ILE A 162 -3.95 20.35 -16.24
CA ILE A 162 -4.10 20.23 -14.79
C ILE A 162 -3.66 18.83 -14.35
N GLN A 163 -3.04 18.73 -13.18
CA GLN A 163 -2.40 17.49 -12.75
C GLN A 163 -3.26 16.57 -11.89
N GLU A 164 -3.99 17.13 -10.93
CA GLU A 164 -4.82 16.33 -10.04
C GLU A 164 -6.26 16.82 -10.07
N PHE A 165 -7.21 15.90 -10.26
CA PHE A 165 -8.62 16.23 -10.16
C PHE A 165 -9.25 15.52 -8.96
N MET A 166 -9.71 16.29 -7.98
CA MET A 166 -10.10 15.72 -6.70
C MET A 166 -11.56 15.94 -6.32
N ILE A 167 -12.12 14.95 -5.62
CA ILE A 167 -13.42 15.09 -4.98
C ILE A 167 -13.19 15.28 -3.48
N MET A 168 -14.07 16.05 -2.83
CA MET A 168 -13.90 16.37 -1.42
C MET A 168 -15.24 16.39 -0.69
N PRO A 169 -15.50 15.36 0.13
CA PRO A 169 -16.76 15.14 0.86
C PRO A 169 -17.00 16.18 1.95
N VAL A 170 -17.23 17.42 1.54
CA VAL A 170 -17.44 18.52 2.50
C VAL A 170 -18.77 18.43 3.23
N GLY A 171 -19.66 17.55 2.76
CA GLY A 171 -20.97 17.41 3.36
C GLY A 171 -21.09 16.22 4.30
N ALA A 172 -20.01 15.45 4.45
CA ALA A 172 -20.01 14.31 5.35
C ALA A 172 -20.05 14.76 6.81
N LYS A 173 -20.52 13.89 7.69
CA LYS A 173 -20.61 14.21 9.11
C LYS A 173 -19.53 13.53 9.94
N SER A 174 -18.76 12.66 9.30
CA SER A 174 -17.68 11.95 9.96
C SER A 174 -16.64 11.55 8.91
N LEU A 175 -15.46 11.15 9.34
CA LEU A 175 -14.44 10.70 8.40
C LEU A 175 -14.86 9.39 7.76
N HIS A 176 -15.47 8.52 8.56
CA HIS A 176 -15.98 7.24 8.07
C HIS A 176 -16.94 7.46 6.91
N GLU A 177 -17.83 8.44 7.05
CA GLU A 177 -18.79 8.77 6.00
C GLU A 177 -18.08 9.36 4.79
N ALA A 178 -17.11 10.23 5.05
CA ALA A 178 -16.33 10.85 3.98
C ALA A 178 -15.64 9.79 3.13
N VAL A 179 -15.02 8.83 3.81
CA VAL A 179 -14.33 7.73 3.14
C VAL A 179 -15.31 6.90 2.30
N ARG A 180 -16.48 6.60 2.85
CA ARG A 180 -17.48 5.81 2.14
C ARG A 180 -18.02 6.55 0.93
N MET A 181 -18.31 7.84 1.10
CA MET A 181 -18.78 8.68 -0.01
C MET A 181 -17.74 8.70 -1.13
N GLY A 182 -16.49 8.86 -0.76
CA GLY A 182 -15.40 8.90 -1.72
C GLY A 182 -15.23 7.59 -2.48
N ALA A 183 -15.28 6.49 -1.74
CA ALA A 183 -15.11 5.16 -2.33
C ALA A 183 -16.27 4.80 -3.26
N GLU A 184 -17.49 5.10 -2.82
CA GLU A 184 -18.68 4.85 -3.63
C GLU A 184 -18.63 5.67 -4.92
N THR A 185 -18.19 6.93 -4.81
CA THR A 185 -18.08 7.80 -5.97
C THR A 185 -16.97 7.33 -6.90
N PHE A 186 -15.85 6.90 -6.32
CA PHE A 186 -14.73 6.36 -7.08
C PHE A 186 -15.17 5.16 -7.92
N HIS A 187 -15.94 4.26 -7.30
CA HIS A 187 -16.41 3.07 -8.00
C HIS A 187 -17.53 3.40 -8.99
N THR A 188 -18.29 4.45 -8.72
CA THR A 188 -19.25 4.96 -9.68
C THR A 188 -18.50 5.53 -10.89
N LEU A 189 -17.46 6.31 -10.60
CA LEU A 189 -16.60 6.87 -11.64
C LEU A 189 -16.00 5.77 -12.51
N LYS A 190 -15.61 4.67 -11.88
CA LYS A 190 -14.99 3.55 -12.58
C LYS A 190 -15.93 2.94 -13.61
N GLY A 191 -17.19 2.75 -13.21
CA GLY A 191 -18.18 2.18 -14.11
C GLY A 191 -18.49 3.12 -15.27
N LEU A 192 -18.41 4.42 -14.99
CA LEU A 192 -18.65 5.45 -16.00
C LEU A 192 -17.58 5.43 -17.09
N LEU A 193 -16.32 5.33 -16.68
CA LEU A 193 -15.22 5.24 -17.63
C LEU A 193 -15.28 3.92 -18.41
N GLN A 194 -15.73 2.87 -17.73
CA GLN A 194 -15.92 1.57 -18.36
C GLN A 194 -16.98 1.66 -19.47
N GLU A 195 -18.04 2.43 -19.20
CA GLU A 195 -19.10 2.61 -20.19
C GLU A 195 -18.60 3.31 -21.44
N ARG A 196 -17.67 4.25 -21.25
CA ARG A 196 -17.17 5.07 -22.34
C ARG A 196 -15.98 4.43 -23.05
N GLY A 197 -15.69 3.17 -22.71
CA GLY A 197 -14.59 2.46 -23.32
C GLY A 197 -13.23 2.92 -22.84
N GLU A 198 -13.19 3.55 -21.68
CA GLU A 198 -11.94 4.03 -21.11
C GLU A 198 -11.29 2.96 -20.23
N SER A 199 -9.99 3.08 -20.01
CA SER A 199 -9.28 2.14 -19.16
C SER A 199 -9.57 2.39 -17.69
N THR A 200 -9.50 1.34 -16.89
CA THR A 200 -9.72 1.45 -15.44
C THR A 200 -8.45 1.21 -14.66
N ALA A 201 -7.33 1.13 -15.37
CA ALA A 201 -6.02 1.07 -14.73
C ALA A 201 -5.74 2.43 -14.08
N VAL A 202 -4.84 2.44 -13.10
CA VAL A 202 -4.66 3.66 -12.30
C VAL A 202 -3.25 4.25 -12.36
N GLY A 203 -3.16 5.56 -12.10
CA GLY A 203 -1.88 6.23 -12.02
C GLY A 203 -1.26 6.09 -10.65
N ASP A 204 -0.19 6.84 -10.40
CA ASP A 204 0.59 6.72 -9.17
C ASP A 204 -0.21 6.86 -7.87
N GLU A 205 -1.25 7.68 -7.89
CA GLU A 205 -2.01 7.97 -6.67
C GLU A 205 -3.37 7.27 -6.62
N GLY A 206 -3.58 6.32 -7.52
CA GLY A 206 -4.76 5.47 -7.48
C GLY A 206 -5.95 5.98 -8.27
N GLY A 207 -5.76 7.11 -8.95
CA GLY A 207 -6.83 7.69 -9.76
C GLY A 207 -6.72 7.23 -11.19
N PHE A 208 -7.76 7.49 -11.98
CA PHE A 208 -7.76 7.06 -13.37
C PHE A 208 -7.11 8.11 -14.26
N ALA A 209 -6.53 7.64 -15.36
CA ALA A 209 -5.93 8.53 -16.36
C ALA A 209 -6.49 8.29 -17.76
N PRO A 210 -7.78 8.65 -17.97
CA PRO A 210 -8.38 8.46 -19.29
C PRO A 210 -7.87 9.50 -20.29
N ASN A 211 -8.44 9.53 -21.48
CA ASN A 211 -8.05 10.50 -22.50
C ASN A 211 -9.19 11.46 -22.86
N ASN A 215 -9.52 20.36 -20.71
CA ASN A 215 -9.37 20.72 -19.31
C ASN A 215 -10.70 20.75 -18.57
N GLU A 216 -11.77 21.05 -19.30
CA GLU A 216 -13.11 21.11 -18.72
C GLU A 216 -13.69 19.72 -18.49
N GLU A 217 -13.37 18.79 -19.38
CA GLU A 217 -13.93 17.44 -19.37
C GLU A 217 -13.87 16.68 -18.01
N PRO A 218 -12.71 16.71 -17.32
CA PRO A 218 -12.69 16.00 -16.04
C PRO A 218 -13.69 16.57 -15.01
N PHE A 219 -13.92 17.87 -15.03
CA PHE A 219 -14.90 18.48 -14.13
C PHE A 219 -16.30 17.97 -14.40
N GLU A 220 -16.65 17.86 -15.69
CA GLU A 220 -17.95 17.35 -16.09
C GLU A 220 -18.13 15.89 -15.71
N ILE A 221 -17.06 15.11 -15.89
CA ILE A 221 -17.07 13.70 -15.53
C ILE A 221 -17.20 13.51 -14.02
N LEU A 222 -16.51 14.35 -13.25
CA LEU A 222 -16.57 14.28 -11.78
C LEU A 222 -17.97 14.63 -11.27
N VAL A 223 -18.56 15.69 -11.81
CA VAL A 223 -19.93 16.08 -11.46
C VAL A 223 -20.90 14.93 -11.71
N GLU A 224 -20.73 14.25 -12.84
CA GLU A 224 -21.61 13.14 -13.21
C GLU A 224 -21.43 11.94 -12.28
N ALA A 225 -20.20 11.65 -11.91
CA ALA A 225 -19.91 10.52 -11.02
C ALA A 225 -20.51 10.78 -9.64
N ILE A 226 -20.37 12.02 -9.16
CA ILE A 226 -20.94 12.42 -7.88
C ILE A 226 -22.45 12.24 -7.89
N GLN A 227 -23.10 12.75 -8.93
CA GLN A 227 -24.55 12.64 -9.06
C GLN A 227 -24.99 11.18 -9.12
N ARG A 228 -24.35 10.39 -9.97
CA ARG A 228 -24.69 8.97 -10.12
C ARG A 228 -24.48 8.19 -8.82
N ALA A 229 -23.56 8.66 -7.99
CA ALA A 229 -23.30 8.05 -6.69
C ALA A 229 -24.38 8.44 -5.69
N GLY A 230 -25.20 9.41 -6.08
CA GLY A 230 -26.33 9.83 -5.26
C GLY A 230 -25.99 10.96 -4.31
N TYR A 231 -24.94 11.70 -4.63
CA TYR A 231 -24.53 12.82 -3.78
C TYR A 231 -24.67 14.14 -4.54
N LYS A 232 -24.76 15.23 -3.79
CA LYS A 232 -24.93 16.55 -4.38
C LYS A 232 -23.57 17.22 -4.63
N PRO A 233 -23.30 17.56 -5.90
CA PRO A 233 -22.07 18.29 -6.25
C PRO A 233 -22.09 19.65 -5.56
N GLY A 234 -21.04 19.95 -4.82
CA GLY A 234 -20.96 21.19 -4.07
C GLY A 234 -21.28 21.01 -2.59
N GLN A 235 -22.55 20.71 -2.30
CA GLN A 235 -23.01 20.56 -0.92
C GLN A 235 -22.47 19.30 -0.24
N ASP A 236 -22.55 18.17 -0.95
CA ASP A 236 -22.08 16.90 -0.41
C ASP A 236 -20.63 16.63 -0.80
N ILE A 237 -20.36 16.69 -2.11
CA ILE A 237 -19.01 16.46 -2.61
C ILE A 237 -18.61 17.60 -3.54
N ALA A 238 -17.56 18.32 -3.18
CA ALA A 238 -17.05 19.41 -3.99
C ALA A 238 -15.84 18.96 -4.81
N ILE A 239 -15.35 19.86 -5.64
CA ILE A 239 -14.18 19.56 -6.49
C ILE A 239 -12.97 20.41 -6.07
N ALA A 240 -11.81 19.77 -6.00
CA ALA A 240 -10.55 20.48 -5.85
C ALA A 240 -9.63 20.02 -6.96
N PHE A 241 -8.69 20.86 -7.36
CA PHE A 241 -7.70 20.43 -8.34
C PHE A 241 -6.32 21.05 -8.16
N ASP A 242 -5.31 20.31 -8.61
CA ASP A 242 -3.92 20.77 -8.57
C ASP A 242 -3.40 20.86 -10.00
N CYS A 243 -3.20 22.08 -10.47
CA CYS A 243 -2.72 22.30 -11.82
C CYS A 243 -1.26 21.89 -11.94
N ALA A 244 -0.49 22.17 -10.89
CA ALA A 244 0.96 22.04 -10.92
C ALA A 244 1.51 22.73 -12.16
N ALA A 245 1.15 23.99 -12.32
CA ALA A 245 1.44 24.76 -13.53
C ALA A 245 2.92 24.81 -13.89
N SER A 246 3.77 24.68 -12.88
CA SER A 246 5.23 24.72 -13.07
C SER A 246 5.71 23.61 -14.00
N GLU A 247 5.10 22.43 -13.86
CA GLU A 247 5.46 21.28 -14.69
C GLU A 247 5.17 21.50 -16.17
N PHE A 248 4.42 22.55 -16.50
CA PHE A 248 4.23 22.94 -17.89
C PHE A 248 4.31 24.46 -18.12
N TYR A 249 5.18 25.12 -17.36
CA TYR A 249 5.41 26.55 -17.59
C TYR A 249 6.51 26.78 -18.62
N TRP A 270 -4.65 30.44 -16.87
CA TRP A 270 -4.79 31.88 -16.70
C TRP A 270 -5.93 32.22 -15.75
N THR A 271 -5.75 33.29 -14.96
CA THR A 271 -6.68 33.66 -13.88
C THR A 271 -8.15 33.74 -14.30
N SER A 272 -8.42 34.36 -15.45
CA SER A 272 -9.79 34.45 -15.96
C SER A 272 -10.33 33.08 -16.37
N LEU A 273 -9.45 32.25 -16.95
CA LEU A 273 -9.80 30.88 -17.32
C LEU A 273 -10.11 30.07 -16.07
N ILE A 274 -9.17 30.07 -15.13
CA ILE A 274 -9.34 29.39 -13.85
C ILE A 274 -10.65 29.83 -13.21
N GLU A 275 -10.91 31.14 -13.27
CA GLU A 275 -12.14 31.70 -12.73
C GLU A 275 -13.39 31.22 -13.49
N ASP A 276 -13.21 30.81 -14.74
CA ASP A 276 -14.32 30.21 -15.48
C ASP A 276 -14.64 28.83 -14.93
N LEU A 277 -13.59 28.01 -14.77
CA LEU A 277 -13.73 26.67 -14.19
C LEU A 277 -14.33 26.76 -12.78
N VAL A 278 -13.80 27.68 -11.99
CA VAL A 278 -14.27 27.88 -10.62
C VAL A 278 -15.73 28.32 -10.56
N ASP A 279 -16.13 29.21 -11.47
CA ASP A 279 -17.50 29.72 -11.51
C ASP A 279 -18.48 28.75 -12.16
N LYS A 280 -17.96 27.86 -13.01
CA LYS A 280 -18.79 26.92 -13.75
C LYS A 280 -19.03 25.64 -12.95
N TYR A 281 -18.04 25.26 -12.15
CA TYR A 281 -18.08 24.00 -11.42
C TYR A 281 -18.04 24.20 -9.91
N PRO A 282 -18.53 23.21 -9.13
CA PRO A 282 -18.50 23.36 -7.67
C PRO A 282 -17.10 23.17 -7.10
N VAL A 283 -16.20 24.09 -7.44
CA VAL A 283 -14.81 24.01 -7.00
C VAL A 283 -14.61 24.71 -5.65
N ILE A 284 -13.95 24.02 -4.73
CA ILE A 284 -13.68 24.62 -3.41
C ILE A 284 -12.19 24.97 -3.25
N SER A 285 -11.34 24.32 -4.02
CA SER A 285 -9.90 24.55 -3.89
C SER A 285 -9.12 24.34 -5.19
N VAL A 286 -8.12 25.18 -5.41
CA VAL A 286 -7.21 25.03 -6.53
C VAL A 286 -5.76 25.18 -6.05
N GLU A 287 -4.88 24.30 -6.52
CA GLU A 287 -3.51 24.26 -6.03
C GLU A 287 -2.50 24.55 -7.14
N ASP A 288 -1.45 25.30 -6.81
CA ASP A 288 -0.42 25.72 -7.76
C ASP A 288 -0.96 26.12 -9.13
N PRO A 289 -1.92 27.06 -9.18
CA PRO A 289 -2.46 27.42 -10.50
C PRO A 289 -1.44 28.16 -11.34
N LEU A 290 -0.41 28.72 -10.71
CA LEU A 290 0.63 29.44 -11.42
C LEU A 290 2.03 28.88 -11.13
N ASP A 291 3.03 29.37 -11.85
CA ASP A 291 4.39 28.86 -11.73
C ASP A 291 4.99 29.13 -10.35
N GLU A 292 5.84 28.21 -9.90
CA GLU A 292 6.40 28.23 -8.55
C GLU A 292 7.20 29.49 -8.22
N ASN A 293 7.65 30.21 -9.24
CA ASN A 293 8.47 31.40 -9.04
C ASN A 293 7.80 32.70 -9.47
N ASP A 294 6.53 32.63 -9.86
CA ASP A 294 5.79 33.81 -10.30
C ASP A 294 4.97 34.40 -9.16
N TRP A 295 5.65 35.07 -8.24
CA TRP A 295 5.02 35.64 -7.04
C TRP A 295 4.05 36.76 -7.36
N GLU A 296 4.39 37.58 -8.36
CA GLU A 296 3.52 38.67 -8.79
C GLU A 296 2.25 38.13 -9.45
N GLY A 297 2.39 37.09 -10.26
CA GLY A 297 1.25 36.45 -10.87
C GLY A 297 0.33 35.85 -9.83
N TRP A 298 0.92 35.16 -8.85
CA TRP A 298 0.17 34.59 -7.74
C TRP A 298 -0.60 35.65 -6.97
N LYS A 299 0.04 36.80 -6.74
CA LYS A 299 -0.56 37.87 -5.95
C LYS A 299 -1.86 38.40 -6.57
N THR A 300 -1.85 38.64 -7.88
CA THR A 300 -3.04 39.12 -8.56
C THR A 300 -4.10 38.02 -8.72
N PHE A 301 -3.66 36.76 -8.81
CA PHE A 301 -4.58 35.62 -8.82
C PHE A 301 -5.37 35.62 -7.53
N THR A 302 -4.66 35.78 -6.41
CA THR A 302 -5.28 35.75 -5.09
C THR A 302 -6.21 36.95 -4.90
N GLU A 303 -5.84 38.08 -5.49
CA GLU A 303 -6.68 39.27 -5.45
C GLU A 303 -8.04 39.01 -6.10
N ARG A 304 -8.03 38.28 -7.21
CA ARG A 304 -9.26 37.99 -7.93
C ARG A 304 -10.08 36.86 -7.27
N LEU A 305 -9.42 35.76 -6.95
CA LEU A 305 -10.13 34.54 -6.56
C LEU A 305 -10.14 34.20 -5.05
N GLY A 306 -9.31 34.89 -4.27
CA GLY A 306 -9.14 34.56 -2.87
C GLY A 306 -10.39 34.60 -2.00
N ASP A 307 -11.46 35.19 -2.51
CA ASP A 307 -12.68 35.37 -1.75
C ASP A 307 -13.68 34.22 -1.93
N LYS A 308 -13.56 33.49 -3.04
CA LYS A 308 -14.53 32.45 -3.35
C LYS A 308 -13.92 31.05 -3.58
N VAL A 309 -12.63 30.91 -3.32
CA VAL A 309 -11.96 29.62 -3.48
C VAL A 309 -10.69 29.52 -2.65
N GLN A 310 -10.39 28.32 -2.15
CA GLN A 310 -9.13 28.08 -1.48
C GLN A 310 -8.01 28.04 -2.52
N ILE A 311 -6.92 28.72 -2.24
CA ILE A 311 -5.79 28.79 -3.17
C ILE A 311 -4.55 28.23 -2.48
N VAL A 312 -4.11 27.06 -2.94
CA VAL A 312 -3.06 26.32 -2.25
C VAL A 312 -1.69 26.48 -2.91
N GLY A 313 -0.71 26.90 -2.12
CA GLY A 313 0.67 26.93 -2.56
C GLY A 313 1.35 25.63 -2.18
N ASP A 314 1.89 24.93 -3.18
CA ASP A 314 2.60 23.68 -2.97
C ASP A 314 4.08 23.87 -3.30
N ASP A 315 4.38 23.90 -4.60
CA ASP A 315 5.75 24.15 -5.05
C ASP A 315 6.15 25.60 -4.74
N LEU A 316 5.14 26.45 -4.55
CA LEU A 316 5.37 27.86 -4.21
C LEU A 316 6.01 28.01 -2.82
N PHE A 317 5.53 27.22 -1.87
CA PHE A 317 5.94 27.37 -0.47
C PHE A 317 6.91 26.29 -0.01
N VAL A 318 6.88 25.14 -0.69
CA VAL A 318 7.66 23.95 -0.33
C VAL A 318 7.80 23.67 1.18
N THR A 319 6.68 23.80 1.91
CA THR A 319 6.63 23.53 3.34
C THR A 319 7.77 24.25 4.08
N ASN A 320 8.05 25.48 3.65
CA ASN A 320 9.19 26.24 4.16
C ASN A 320 8.72 27.58 4.72
N THR A 321 8.93 27.77 6.02
CA THR A 321 8.47 28.98 6.71
C THR A 321 8.97 30.28 6.07
N SER A 322 10.15 30.22 5.46
CA SER A 322 10.71 31.39 4.79
C SER A 322 9.89 31.79 3.57
N TYR A 323 9.42 30.79 2.83
CA TYR A 323 8.61 31.03 1.64
C TYR A 323 7.18 31.41 2.01
N LEU A 324 6.64 30.74 3.03
CA LEU A 324 5.30 31.03 3.52
C LEU A 324 5.20 32.45 4.07
N GLU A 325 6.26 32.87 4.76
CA GLU A 325 6.32 34.22 5.32
C GLU A 325 6.18 35.27 4.23
N LYS A 326 6.94 35.09 3.14
CA LYS A 326 6.88 35.98 1.99
C LYS A 326 5.49 36.00 1.38
N GLY A 327 4.88 34.83 1.26
CA GLY A 327 3.54 34.71 0.72
C GLY A 327 2.52 35.46 1.55
N ILE A 328 2.58 35.26 2.87
CA ILE A 328 1.68 35.93 3.81
C ILE A 328 1.79 37.45 3.71
N LYS A 329 3.02 37.97 3.68
CA LYS A 329 3.24 39.40 3.61
C LYS A 329 2.75 40.03 2.31
N MET A 330 2.88 39.29 1.21
CA MET A 330 2.47 39.78 -0.10
C MET A 330 0.98 39.57 -0.38
N GLY A 331 0.31 38.87 0.53
CA GLY A 331 -1.08 38.52 0.33
C GLY A 331 -1.23 37.48 -0.77
N VAL A 332 -0.36 36.48 -0.73
CA VAL A 332 -0.34 35.44 -1.75
C VAL A 332 -0.89 34.12 -1.22
N ALA A 333 -1.88 33.58 -1.94
CA ALA A 333 -2.58 32.35 -1.55
C ALA A 333 -3.30 32.49 -0.21
N ASN A 334 -4.01 31.44 0.19
CA ASN A 334 -4.65 31.40 1.50
C ASN A 334 -4.56 30.00 2.11
N SER A 335 -3.62 29.21 1.60
CA SER A 335 -3.47 27.83 2.02
C SER A 335 -2.09 27.30 1.62
N ILE A 336 -1.59 26.35 2.39
CA ILE A 336 -0.30 25.72 2.08
C ILE A 336 -0.40 24.20 2.14
N LEU A 337 0.21 23.54 1.16
CA LEU A 337 0.29 22.09 1.13
C LEU A 337 1.46 21.64 2.00
N ILE A 338 1.16 20.86 3.03
CA ILE A 338 2.17 20.47 4.00
C ILE A 338 2.82 19.12 3.69
N LYS A 339 4.09 19.15 3.29
CA LYS A 339 4.83 17.95 2.94
C LYS A 339 6.09 17.82 3.79
N LEU A 340 6.11 16.82 4.67
CA LEU A 340 7.22 16.58 5.58
C LEU A 340 8.58 16.54 4.89
N ASN A 341 8.67 15.82 3.78
CA ASN A 341 9.96 15.62 3.12
C ASN A 341 10.37 16.77 2.21
N GLN A 342 9.54 17.80 2.15
CA GLN A 342 9.89 19.02 1.43
C GLN A 342 10.82 19.88 2.26
N ILE A 343 10.75 19.71 3.58
CA ILE A 343 11.57 20.51 4.49
C ILE A 343 12.58 19.66 5.26
N GLY A 344 12.19 18.45 5.64
CA GLY A 344 13.15 17.49 6.17
C GLY A 344 13.04 17.11 7.64
N THR A 345 12.31 17.89 8.43
CA THR A 345 12.09 17.53 9.83
C THR A 345 10.65 17.75 10.26
N LEU A 346 10.23 17.01 11.28
CA LEU A 346 8.90 17.15 11.85
C LEU A 346 8.73 18.52 12.50
N THR A 347 9.78 18.99 13.16
CA THR A 347 9.76 20.28 13.85
C THR A 347 9.51 21.44 12.90
N GLU A 348 10.27 21.49 11.81
CA GLU A 348 10.11 22.53 10.81
C GLU A 348 8.74 22.45 10.15
N THR A 349 8.18 21.24 10.11
CA THR A 349 6.85 21.01 9.55
C THR A 349 5.76 21.54 10.48
N PHE A 350 5.93 21.30 11.78
CA PHE A 350 5.05 21.88 12.80
C PHE A 350 5.04 23.40 12.67
N GLU A 351 6.23 23.96 12.46
CA GLU A 351 6.40 25.41 12.38
C GLU A 351 5.69 26.00 11.17
N ALA A 352 5.73 25.30 10.04
CA ALA A 352 5.01 25.74 8.85
C ALA A 352 3.50 25.74 9.09
N ILE A 353 3.01 24.67 9.72
CA ILE A 353 1.58 24.53 10.02
C ILE A 353 1.08 25.64 10.94
N GLU A 354 1.80 25.89 12.02
CA GLU A 354 1.38 26.92 12.98
C GLU A 354 1.46 28.32 12.38
N MET A 355 2.50 28.58 11.60
CA MET A 355 2.64 29.86 10.92
C MET A 355 1.47 30.08 9.96
N ALA A 356 1.07 29.01 9.26
CA ALA A 356 -0.06 29.08 8.35
C ALA A 356 -1.35 29.40 9.09
N LYS A 357 -1.61 28.68 10.19
CA LYS A 357 -2.82 28.90 10.98
C LYS A 357 -2.91 30.33 11.50
N GLU A 358 -1.79 30.83 12.04
CA GLU A 358 -1.76 32.17 12.60
C GLU A 358 -1.99 33.26 11.54
N ALA A 359 -1.81 32.91 10.27
CA ALA A 359 -2.03 33.86 9.19
C ALA A 359 -3.42 33.72 8.59
N GLY A 360 -4.20 32.78 9.11
CA GLY A 360 -5.54 32.53 8.58
C GLY A 360 -5.50 31.60 7.38
N TYR A 361 -4.35 30.98 7.17
CA TYR A 361 -4.17 30.03 6.08
C TYR A 361 -4.51 28.62 6.57
N THR A 362 -5.08 27.80 5.70
CA THR A 362 -5.27 26.39 6.03
C THR A 362 -3.99 25.62 5.73
N ALA A 363 -3.79 24.52 6.44
CA ALA A 363 -2.65 23.65 6.19
C ALA A 363 -3.14 22.29 5.74
N VAL A 364 -2.92 21.97 4.47
CA VAL A 364 -3.33 20.68 3.93
C VAL A 364 -2.17 19.69 4.00
N VAL A 365 -2.19 18.81 5.00
CA VAL A 365 -1.17 17.78 5.15
C VAL A 365 -1.25 16.84 3.94
N SER A 366 -0.10 16.55 3.32
CA SER A 366 -0.11 15.87 2.03
C SER A 366 0.86 14.69 1.93
N HIS A 367 0.47 13.72 1.11
CA HIS A 367 1.34 12.62 0.72
C HIS A 367 2.30 13.09 -0.38
N ARG A 368 3.10 12.17 -0.90
CA ARG A 368 3.82 12.41 -2.14
C ARG A 368 3.30 11.37 -3.14
N SER A 369 3.57 11.57 -4.43
CA SER A 369 3.13 10.60 -5.43
C SER A 369 3.79 9.24 -5.21
N GLY A 370 4.99 9.25 -4.65
CA GLY A 370 5.66 8.03 -4.24
C GLY A 370 5.46 7.84 -2.74
N GLU A 371 4.52 6.97 -2.38
CA GLU A 371 4.20 6.74 -0.97
C GLU A 371 4.66 5.38 -0.48
N THR A 372 4.47 5.12 0.81
CA THR A 372 4.84 3.86 1.42
C THR A 372 3.75 3.38 2.37
N GLU A 373 4.04 2.32 3.12
CA GLU A 373 3.09 1.78 4.09
C GLU A 373 3.04 2.62 5.37
N ASP A 374 3.86 3.66 5.43
CA ASP A 374 3.88 4.59 6.56
C ASP A 374 2.62 5.45 6.55
N THR A 375 2.03 5.66 7.72
CA THR A 375 0.79 6.43 7.83
C THR A 375 0.91 7.64 8.74
N THR A 376 2.12 8.18 8.87
CA THR A 376 2.39 9.29 9.80
C THR A 376 1.52 10.53 9.54
N ILE A 377 1.24 10.83 8.27
CA ILE A 377 0.46 12.02 7.94
C ILE A 377 -0.96 11.99 8.50
N ALA A 378 -1.50 10.79 8.68
CA ALA A 378 -2.83 10.64 9.26
C ALA A 378 -2.83 11.10 10.71
N ASP A 379 -1.82 10.67 11.47
CA ASP A 379 -1.68 11.07 12.87
C ASP A 379 -1.26 12.53 12.96
N LEU A 380 -0.45 12.98 12.02
CA LEU A 380 0.01 14.38 12.00
C LEU A 380 -1.14 15.35 11.77
N VAL A 381 -2.01 15.05 10.82
CA VAL A 381 -3.11 15.96 10.48
C VAL A 381 -4.16 16.09 11.59
N VAL A 382 -4.34 15.02 12.37
CA VAL A 382 -5.28 15.05 13.50
C VAL A 382 -4.63 15.75 14.69
N ALA A 383 -3.34 15.48 14.88
CA ALA A 383 -2.57 16.09 15.96
C ALA A 383 -2.64 17.61 15.92
N THR A 384 -2.58 18.16 14.71
CA THR A 384 -2.54 19.61 14.54
C THR A 384 -3.91 20.20 14.24
N ASN A 385 -4.93 19.35 14.23
CA ASN A 385 -6.29 19.76 13.89
C ASN A 385 -6.36 20.57 12.59
N ALA A 386 -5.57 20.17 11.61
CA ALA A 386 -5.41 20.93 10.37
C ALA A 386 -6.71 21.07 9.60
N GLY A 387 -7.51 20.01 9.58
CA GLY A 387 -8.85 20.07 8.99
C GLY A 387 -8.94 19.55 7.56
N GLN A 388 -7.80 19.43 6.90
CA GLN A 388 -7.76 18.93 5.53
C GLN A 388 -6.59 17.99 5.33
N ILE A 389 -6.78 16.98 4.49
CA ILE A 389 -5.68 16.10 4.10
C ILE A 389 -5.76 15.82 2.60
N LYS A 390 -4.61 15.63 1.98
CA LYS A 390 -4.56 15.17 0.59
C LYS A 390 -3.70 13.92 0.56
N THR A 391 -4.35 12.76 0.46
CA THR A 391 -3.61 11.51 0.54
C THR A 391 -4.01 10.46 -0.50
N GLY A 392 -4.66 10.90 -1.58
CA GLY A 392 -4.86 10.05 -2.73
C GLY A 392 -6.27 9.60 -3.05
N SER A 393 -6.39 8.84 -4.13
CA SER A 393 -7.68 8.28 -4.55
C SER A 393 -8.11 7.15 -3.63
N MET A 394 -9.19 6.47 -3.99
CA MET A 394 -9.70 5.37 -3.18
C MET A 394 -9.26 4.00 -3.69
N SER A 395 -8.02 3.94 -4.17
CA SER A 395 -7.38 2.66 -4.47
C SER A 395 -5.89 2.79 -4.22
N ARG A 396 -5.18 1.66 -4.21
CA ARG A 396 -3.78 1.55 -3.80
C ARG A 396 -3.62 1.73 -2.30
N THR A 397 -3.03 0.72 -1.64
CA THR A 397 -2.81 0.75 -0.20
C THR A 397 -1.90 1.90 0.21
N ASP A 398 -1.04 2.36 -0.70
CA ASP A 398 -0.21 3.53 -0.41
C ASP A 398 -1.06 4.76 -0.07
N ARG A 399 -2.30 4.78 -0.53
CA ARG A 399 -3.25 5.84 -0.17
C ARG A 399 -4.20 5.31 0.90
N ILE A 400 -4.76 4.13 0.66
CA ILE A 400 -5.79 3.55 1.52
C ILE A 400 -5.34 3.36 2.97
N ALA A 401 -4.07 3.03 3.17
CA ALA A 401 -3.53 2.83 4.51
C ALA A 401 -3.71 4.06 5.39
N LYS A 402 -3.68 5.24 4.77
CA LYS A 402 -3.89 6.49 5.48
C LYS A 402 -5.35 6.66 5.87
N TYR A 403 -6.24 6.34 4.93
CA TYR A 403 -7.67 6.41 5.21
C TYR A 403 -8.07 5.42 6.30
N ASN A 404 -7.45 4.24 6.28
CA ASN A 404 -7.67 3.25 7.31
C ASN A 404 -7.23 3.76 8.68
N GLN A 405 -6.06 4.39 8.72
CA GLN A 405 -5.53 4.90 9.98
C GLN A 405 -6.38 6.03 10.53
N LEU A 406 -6.90 6.87 9.64
CA LEU A 406 -7.79 7.95 10.05
C LEU A 406 -9.07 7.40 10.64
N MET A 407 -9.56 6.28 10.10
CA MET A 407 -10.74 5.63 10.64
C MET A 407 -10.46 5.01 12.01
N ARG A 408 -9.29 4.41 12.17
CA ARG A 408 -8.85 3.91 13.47
C ARG A 408 -8.80 5.04 14.48
N ILE A 409 -8.29 6.18 14.05
CA ILE A 409 -8.18 7.36 14.91
C ILE A 409 -9.56 7.90 15.29
N GLU A 410 -10.48 7.93 14.32
CA GLU A 410 -11.82 8.41 14.60
C GLU A 410 -12.56 7.50 15.58
N GLU A 411 -12.39 6.19 15.43
CA GLU A 411 -13.03 5.24 16.33
C GLU A 411 -12.48 5.39 17.74
N ALA A 412 -11.17 5.60 17.84
CA ALA A 412 -10.51 5.79 19.13
C ALA A 412 -11.02 7.04 19.84
N LEU A 413 -11.13 8.13 19.08
CA LEU A 413 -11.63 9.39 19.62
C LEU A 413 -13.07 9.27 20.11
N GLY A 414 -13.86 8.43 19.43
CA GLY A 414 -15.24 8.21 19.80
C GLY A 414 -16.05 9.49 19.76
N SER A 415 -16.77 9.76 20.85
CA SER A 415 -17.63 10.94 20.91
C SER A 415 -16.83 12.25 20.93
N THR A 416 -15.53 12.17 21.20
CA THR A 416 -14.69 13.37 21.31
C THR A 416 -14.16 13.84 19.96
N ALA A 417 -14.45 13.07 18.91
CA ALA A 417 -14.00 13.41 17.57
C ALA A 417 -14.82 14.54 16.96
N GLN A 418 -14.26 15.21 15.98
CA GLN A 418 -14.98 16.25 15.25
C GLN A 418 -14.60 16.24 13.77
N TYR A 419 -15.61 16.11 12.90
CA TYR A 419 -15.38 16.26 11.46
C TYR A 419 -16.06 17.53 11.00
N LYS A 420 -15.29 18.41 10.34
CA LYS A 420 -15.77 19.75 10.03
C LYS A 420 -16.36 19.89 8.64
N GLY A 421 -15.91 19.07 7.70
CA GLY A 421 -16.35 19.17 6.33
C GLY A 421 -16.07 20.53 5.73
N ILE A 422 -17.12 21.20 5.26
CA ILE A 422 -17.00 22.52 4.66
C ILE A 422 -16.48 23.57 5.66
N HIS A 423 -16.64 23.28 6.95
CA HIS A 423 -16.24 24.21 8.00
C HIS A 423 -14.74 24.17 8.29
N SER A 424 -14.03 23.27 7.62
CA SER A 424 -12.57 23.22 7.71
C SER A 424 -11.96 24.45 7.06
N PHE A 425 -12.72 25.07 6.17
CA PHE A 425 -12.23 26.20 5.38
C PHE A 425 -12.40 27.53 6.08
N TYR A 426 -11.64 27.72 7.16
CA TYR A 426 -11.68 28.97 7.91
C TYR A 426 -11.05 30.13 7.16
N ASN A 427 -10.31 29.81 6.10
CA ASN A 427 -9.70 30.83 5.26
C ASN A 427 -10.70 31.53 4.35
N LEU A 428 -11.90 30.93 4.24
CA LEU A 428 -12.95 31.47 3.39
C LEU A 428 -14.07 32.08 4.24
N VAL B 3 -3.00 -15.50 28.06
CA VAL B 3 -4.46 -15.48 27.94
C VAL B 3 -4.94 -14.22 27.21
N ILE B 4 -5.81 -14.43 26.22
CA ILE B 4 -6.42 -13.33 25.48
C ILE B 4 -7.45 -12.60 26.36
N THR B 5 -7.30 -11.29 26.48
CA THR B 5 -8.15 -10.51 27.38
C THR B 5 -9.20 -9.67 26.64
N ASP B 6 -8.95 -9.40 25.36
CA ASP B 6 -9.88 -8.64 24.56
C ASP B 6 -9.66 -8.86 23.06
N ILE B 7 -10.74 -8.76 22.30
CA ILE B 7 -10.71 -8.91 20.85
C ILE B 7 -11.62 -7.87 20.24
N HIS B 8 -11.14 -7.17 19.21
CA HIS B 8 -11.92 -6.10 18.60
C HIS B 8 -11.72 -6.05 17.08
N ALA B 9 -12.83 -5.94 16.35
CA ALA B 9 -12.77 -5.85 14.90
C ALA B 9 -13.34 -4.52 14.40
N ARG B 10 -12.92 -4.13 13.20
CA ARG B 10 -13.47 -2.94 12.56
C ARG B 10 -13.44 -3.11 11.05
N GLU B 11 -14.22 -2.29 10.36
CA GLU B 11 -14.29 -2.32 8.90
C GLU B 11 -13.29 -1.30 8.33
N VAL B 12 -12.36 -1.78 7.51
CA VAL B 12 -11.44 -0.91 6.79
C VAL B 12 -11.50 -1.23 5.30
N LEU B 13 -10.65 -0.58 4.51
CA LEU B 13 -10.68 -0.74 3.06
C LEU B 13 -9.47 -1.49 2.52
N ASP B 14 -9.67 -2.30 1.48
CA ASP B 14 -8.55 -2.96 0.83
C ASP B 14 -7.97 -2.08 -0.28
N SER B 15 -7.08 -2.65 -1.09
CA SER B 15 -6.38 -1.89 -2.12
C SER B 15 -7.26 -1.49 -3.30
N ARG B 16 -8.46 -2.07 -3.38
CA ARG B 16 -9.41 -1.71 -4.43
C ARG B 16 -10.43 -0.70 -3.92
N GLY B 17 -10.29 -0.29 -2.68
CA GLY B 17 -11.22 0.63 -2.06
C GLY B 17 -12.50 -0.06 -1.61
N ASN B 18 -12.41 -1.37 -1.38
CA ASN B 18 -13.54 -2.15 -0.92
C ASN B 18 -13.39 -2.56 0.54
N PRO B 19 -14.50 -2.59 1.29
CA PRO B 19 -14.50 -2.92 2.72
C PRO B 19 -13.95 -4.31 3.00
N THR B 20 -13.17 -4.44 4.06
CA THR B 20 -12.72 -5.74 4.53
C THR B 20 -12.55 -5.71 6.04
N ALA B 21 -12.32 -6.87 6.63
CA ALA B 21 -12.29 -6.99 8.08
C ALA B 21 -10.89 -6.89 8.68
N GLU B 22 -10.77 -6.07 9.72
CA GLU B 22 -9.54 -5.97 10.49
C GLU B 22 -9.84 -6.36 11.93
N ALA B 23 -8.97 -7.17 12.54
CA ALA B 23 -9.16 -7.57 13.93
C ALA B 23 -7.94 -7.30 14.78
N GLU B 24 -8.17 -7.05 16.07
CA GLU B 24 -7.09 -6.85 17.02
C GLU B 24 -7.24 -7.81 18.20
N VAL B 25 -6.12 -8.32 18.69
CA VAL B 25 -6.13 -9.21 19.85
C VAL B 25 -5.23 -8.67 20.95
N TYR B 26 -5.74 -8.68 22.19
CA TYR B 26 -4.99 -8.18 23.33
C TYR B 26 -4.77 -9.31 24.33
N THR B 27 -3.57 -9.37 24.92
CA THR B 27 -3.29 -10.42 25.90
C THR B 27 -3.01 -9.85 27.29
N GLU B 28 -3.04 -10.73 28.29
CA GLU B 28 -2.85 -10.36 29.68
C GLU B 28 -1.47 -9.76 29.93
N LEU B 29 -0.46 -10.28 29.23
CA LEU B 29 0.91 -9.81 29.37
C LEU B 29 1.14 -8.50 28.62
N GLY B 30 0.10 -8.02 27.93
CA GLY B 30 0.18 -6.79 27.19
C GLY B 30 0.56 -7.00 25.73
N GLY B 31 0.36 -8.22 25.23
CA GLY B 31 0.64 -8.51 23.85
C GLY B 31 -0.42 -7.90 22.93
N PHE B 32 0.00 -7.45 21.76
CA PHE B 32 -0.93 -6.86 20.80
C PHE B 32 -0.69 -7.38 19.39
N GLY B 33 -1.78 -7.72 18.69
CA GLY B 33 -1.69 -8.15 17.31
C GLY B 33 -2.85 -7.60 16.51
N ARG B 34 -2.54 -7.10 15.30
CA ARG B 34 -3.58 -6.59 14.43
C ARG B 34 -3.43 -7.18 13.04
N ALA B 35 -4.53 -7.69 12.49
CA ALA B 35 -4.48 -8.34 11.18
C ALA B 35 -5.62 -7.90 10.27
N ILE B 36 -5.34 -7.82 8.98
CA ILE B 36 -6.36 -7.47 8.00
C ILE B 36 -6.52 -8.60 6.98
N VAL B 37 -7.76 -8.85 6.60
CA VAL B 37 -8.08 -9.92 5.65
C VAL B 37 -8.14 -9.37 4.22
N PRO B 38 -7.42 -10.02 3.30
CA PRO B 38 -7.46 -9.61 1.89
C PRO B 38 -8.74 -10.14 1.24
N SER B 39 -8.93 -9.83 -0.04
CA SER B 39 -10.13 -10.28 -0.73
C SER B 39 -9.86 -10.49 -2.22
N GLY B 40 -10.37 -11.60 -2.75
CA GLY B 40 -10.19 -11.89 -4.17
C GLY B 40 -11.28 -11.30 -5.01
N ALA B 41 -11.03 -11.21 -6.32
CA ALA B 41 -12.06 -10.84 -7.27
C ALA B 41 -12.40 -12.07 -8.10
N SER B 42 -11.38 -12.85 -8.42
CA SER B 42 -11.56 -14.10 -9.16
C SER B 42 -11.57 -15.29 -8.21
N THR B 43 -12.50 -15.27 -7.26
CA THR B 43 -12.63 -16.35 -6.29
C THR B 43 -13.08 -17.65 -6.93
N GLY B 44 -12.43 -18.75 -6.58
CA GLY B 44 -12.88 -20.06 -7.01
C GLY B 44 -14.20 -20.35 -6.32
N GLU B 45 -15.04 -21.17 -6.94
CA GLU B 45 -16.39 -21.40 -6.41
C GLU B 45 -16.39 -22.23 -5.12
N HIS B 46 -15.25 -22.80 -4.77
CA HIS B 46 -15.17 -23.67 -3.59
C HIS B 46 -14.36 -23.03 -2.46
N GLU B 47 -14.09 -21.73 -2.60
CA GLU B 47 -13.41 -20.97 -1.56
C GLU B 47 -14.29 -20.88 -0.32
N ALA B 48 -13.68 -20.69 0.84
CA ALA B 48 -14.42 -20.48 2.08
C ALA B 48 -15.26 -19.20 1.93
N VAL B 49 -16.36 -19.12 2.68
CA VAL B 49 -17.32 -18.04 2.50
C VAL B 49 -16.83 -16.69 3.02
N GLU B 50 -16.68 -15.73 2.10
CA GLU B 50 -16.43 -14.34 2.45
C GLU B 50 -17.77 -13.66 2.68
N LEU B 51 -18.03 -13.25 3.92
CA LEU B 51 -19.33 -12.70 4.28
C LEU B 51 -19.45 -11.21 3.98
N ARG B 52 -20.44 -10.86 3.15
CA ARG B 52 -20.70 -9.47 2.80
C ARG B 52 -22.09 -9.06 3.31
N ASP B 53 -22.29 -7.77 3.54
CA ASP B 53 -23.56 -7.29 4.11
C ASP B 53 -24.71 -7.30 3.12
N GLY B 54 -24.43 -6.92 1.87
CA GLY B 54 -25.46 -6.87 0.86
C GLY B 54 -26.41 -5.70 1.04
N ASP B 55 -25.99 -4.72 1.84
CA ASP B 55 -26.74 -3.47 1.98
C ASP B 55 -26.32 -2.54 0.85
N LYS B 56 -27.22 -2.37 -0.12
CA LYS B 56 -26.91 -1.59 -1.32
C LYS B 56 -26.75 -0.10 -1.03
N SER B 57 -26.97 0.31 0.22
CA SER B 57 -26.82 1.70 0.62
C SER B 57 -25.42 1.97 1.20
N ARG B 58 -24.64 0.91 1.37
CA ARG B 58 -23.25 1.02 1.81
C ARG B 58 -22.33 0.24 0.89
N PHE B 59 -21.43 0.97 0.22
CA PHE B 59 -20.38 0.34 -0.60
C PHE B 59 -20.93 -0.64 -1.63
N GLY B 60 -22.09 -0.35 -2.18
CA GLY B 60 -22.72 -1.21 -3.17
C GLY B 60 -22.99 -2.63 -2.66
N GLY B 61 -23.16 -2.77 -1.35
CA GLY B 61 -23.45 -4.06 -0.76
C GLY B 61 -22.21 -4.83 -0.33
N GLN B 62 -21.07 -4.15 -0.35
CA GLN B 62 -19.78 -4.79 -0.06
C GLN B 62 -19.31 -4.60 1.38
N GLY B 63 -20.17 -4.03 2.21
CA GLY B 63 -19.82 -3.82 3.61
C GLY B 63 -19.56 -5.13 4.32
N VAL B 64 -18.76 -5.09 5.39
CA VAL B 64 -18.49 -6.28 6.19
C VAL B 64 -18.80 -6.05 7.67
N LEU B 65 -19.83 -5.25 7.92
CA LEU B 65 -20.25 -4.95 9.28
C LEU B 65 -20.75 -6.19 10.02
N THR B 66 -21.34 -7.11 9.26
CA THR B 66 -21.86 -8.35 9.84
C THR B 66 -20.72 -9.24 10.32
N ALA B 67 -19.72 -9.43 9.46
CA ALA B 67 -18.55 -10.22 9.83
C ALA B 67 -17.81 -9.57 11.00
N VAL B 68 -17.75 -8.24 10.99
CA VAL B 68 -17.13 -7.49 12.09
C VAL B 68 -17.86 -7.74 13.40
N GLU B 69 -19.19 -7.71 13.35
CA GLU B 69 -20.00 -7.94 14.54
C GLU B 69 -19.91 -9.39 15.01
N ASN B 70 -19.70 -10.30 14.07
CA ASN B 70 -19.49 -11.70 14.42
C ASN B 70 -18.22 -11.90 15.21
N VAL B 71 -17.21 -11.07 14.93
CA VAL B 71 -15.97 -11.09 15.70
C VAL B 71 -16.19 -10.47 17.08
N ASN B 72 -16.75 -9.26 17.09
CA ASN B 72 -16.95 -8.51 18.33
C ASN B 72 -17.90 -9.19 19.31
N GLY B 73 -18.81 -10.01 18.78
CA GLY B 73 -19.78 -10.71 19.60
C GLY B 73 -19.43 -12.16 19.87
N GLU B 74 -19.92 -13.06 19.01
CA GLU B 74 -19.76 -14.50 19.20
C GLU B 74 -18.30 -14.96 19.34
N ILE B 75 -17.46 -14.58 18.37
CA ILE B 75 -16.08 -15.02 18.35
C ILE B 75 -15.30 -14.50 19.57
N ALA B 76 -15.53 -13.24 19.93
CA ALA B 76 -14.88 -12.66 21.12
C ALA B 76 -15.22 -13.45 22.37
N LYS B 77 -16.50 -13.81 22.52
CA LYS B 77 -16.97 -14.55 23.68
C LYS B 77 -16.36 -15.95 23.75
N ALA B 78 -16.18 -16.56 22.59
CA ALA B 78 -15.68 -17.94 22.52
C ALA B 78 -14.17 -18.06 22.65
N VAL B 79 -13.46 -16.97 22.32
CA VAL B 79 -11.99 -17.02 22.23
C VAL B 79 -11.27 -16.31 23.39
N ILE B 80 -11.85 -15.21 23.89
CA ILE B 80 -11.30 -14.52 25.05
C ILE B 80 -11.19 -15.49 26.23
N GLY B 81 -10.00 -15.56 26.82
CA GLY B 81 -9.76 -16.51 27.89
C GLY B 81 -8.86 -17.67 27.47
N LEU B 82 -8.74 -17.86 26.17
CA LEU B 82 -7.83 -18.88 25.63
C LEU B 82 -6.41 -18.34 25.63
N ASP B 83 -5.43 -19.23 25.75
CA ASP B 83 -4.03 -18.81 25.68
C ASP B 83 -3.70 -18.39 24.26
N VAL B 84 -3.06 -17.22 24.12
CA VAL B 84 -2.77 -16.64 22.81
C VAL B 84 -1.87 -17.54 21.95
N THR B 85 -1.06 -18.37 22.61
CA THR B 85 -0.13 -19.26 21.90
C THR B 85 -0.78 -20.55 21.44
N ASP B 86 -2.02 -20.78 21.87
CA ASP B 86 -2.75 -21.97 21.47
C ASP B 86 -3.48 -21.76 20.15
N GLN B 87 -2.71 -21.60 19.07
CA GLN B 87 -3.26 -21.28 17.75
C GLN B 87 -4.26 -22.33 17.24
N ARG B 88 -3.90 -23.60 17.36
CA ARG B 88 -4.78 -24.68 16.88
C ARG B 88 -6.10 -24.72 17.62
N LEU B 89 -6.05 -24.49 18.93
CA LEU B 89 -7.25 -24.47 19.76
C LEU B 89 -8.12 -23.26 19.40
N ILE B 90 -7.47 -22.11 19.22
CA ILE B 90 -8.18 -20.89 18.83
C ILE B 90 -8.89 -21.08 17.50
N ASP B 91 -8.18 -21.66 16.53
CA ASP B 91 -8.76 -21.86 15.20
C ASP B 91 -9.88 -22.90 15.20
N GLN B 92 -9.67 -24.01 15.90
CA GLN B 92 -10.69 -25.06 15.94
C GLN B 92 -11.92 -24.60 16.72
N THR B 93 -11.71 -23.75 17.72
CA THR B 93 -12.80 -23.18 18.49
C THR B 93 -13.72 -22.37 17.58
N MET B 94 -13.13 -21.51 16.76
CA MET B 94 -13.90 -20.71 15.82
C MET B 94 -14.56 -21.57 14.76
N ILE B 95 -13.87 -22.61 14.31
CA ILE B 95 -14.41 -23.55 13.32
C ILE B 95 -15.64 -24.27 13.87
N ASP B 96 -15.56 -24.73 15.12
CA ASP B 96 -16.70 -25.38 15.75
C ASP B 96 -17.83 -24.41 16.01
N LEU B 97 -17.47 -23.18 16.41
CA LEU B 97 -18.47 -22.15 16.70
C LEU B 97 -19.32 -21.84 15.47
N ASP B 98 -18.66 -21.71 14.32
CA ASP B 98 -19.36 -21.50 13.05
C ASP B 98 -20.25 -22.71 12.74
N GLY B 99 -19.65 -23.90 12.76
CA GLY B 99 -20.42 -25.12 12.61
C GLY B 99 -20.68 -25.57 11.19
N THR B 100 -20.31 -24.74 10.22
CA THR B 100 -20.49 -25.06 8.81
C THR B 100 -19.12 -25.35 8.16
N PRO B 101 -19.09 -26.25 7.17
CA PRO B 101 -17.83 -26.67 6.55
C PRO B 101 -17.08 -25.53 5.86
N ASN B 102 -17.82 -24.56 5.33
CA ASN B 102 -17.23 -23.47 4.56
C ASN B 102 -17.21 -22.13 5.30
N LYS B 103 -17.42 -22.18 6.62
CA LYS B 103 -17.40 -20.99 7.46
C LYS B 103 -18.42 -19.93 7.02
N GLY B 104 -19.60 -20.40 6.60
CA GLY B 104 -20.61 -19.52 6.03
C GLY B 104 -21.50 -18.80 7.03
N ARG B 105 -21.53 -19.29 8.27
CA ARG B 105 -22.35 -18.65 9.29
C ARG B 105 -21.68 -17.40 9.86
N LEU B 106 -20.43 -17.54 10.26
CA LEU B 106 -19.70 -16.42 10.86
C LEU B 106 -18.90 -15.64 9.81
N GLY B 107 -18.51 -16.33 8.74
CA GLY B 107 -17.71 -15.71 7.70
C GLY B 107 -16.24 -16.06 7.86
N ALA B 108 -15.63 -16.51 6.77
CA ALA B 108 -14.21 -16.84 6.78
C ALA B 108 -13.37 -15.59 7.03
N ASN B 109 -13.87 -14.43 6.58
CA ASN B 109 -13.14 -13.18 6.79
C ASN B 109 -13.17 -12.74 8.25
N ALA B 110 -14.27 -13.04 8.95
CA ALA B 110 -14.35 -12.78 10.37
C ALA B 110 -13.38 -13.68 11.12
N ILE B 111 -13.41 -14.97 10.79
CA ILE B 111 -12.59 -15.96 11.47
C ILE B 111 -11.09 -15.77 11.23
N LEU B 112 -10.69 -15.55 9.97
CA LEU B 112 -9.28 -15.39 9.64
C LEU B 112 -8.67 -14.16 10.31
N SER B 113 -9.48 -13.11 10.44
CA SER B 113 -9.00 -11.86 11.04
C SER B 113 -8.54 -12.12 12.48
N VAL B 114 -9.33 -12.89 13.22
CA VAL B 114 -8.98 -13.27 14.59
C VAL B 114 -7.84 -14.27 14.60
N SER B 115 -7.86 -15.22 13.68
CA SER B 115 -6.83 -16.24 13.58
C SER B 115 -5.44 -15.63 13.43
N LEU B 116 -5.34 -14.62 12.55
CA LEU B 116 -4.06 -13.99 12.26
C LEU B 116 -3.65 -13.01 13.35
N ALA B 117 -4.62 -12.25 13.86
CA ALA B 117 -4.35 -11.29 14.92
C ALA B 117 -3.85 -12.00 16.17
N SER B 118 -4.36 -13.21 16.40
CA SER B 118 -3.93 -14.03 17.54
C SER B 118 -2.46 -14.44 17.43
N ALA B 119 -2.06 -14.90 16.25
CA ALA B 119 -0.68 -15.30 16.02
C ALA B 119 0.26 -14.11 16.20
N ARG B 120 -0.19 -12.94 15.74
CA ARG B 120 0.59 -11.72 15.86
C ARG B 120 0.73 -11.26 17.30
N ALA B 121 -0.36 -11.37 18.06
CA ALA B 121 -0.35 -11.01 19.47
C ALA B 121 0.58 -11.95 20.24
N ALA B 122 0.58 -13.21 19.85
CA ALA B 122 1.44 -14.21 20.48
C ALA B 122 2.91 -13.91 20.24
N ALA B 123 3.26 -13.63 18.98
CA ALA B 123 4.63 -13.25 18.64
C ALA B 123 5.04 -11.99 19.39
N ASP B 124 4.11 -11.04 19.49
CA ASP B 124 4.37 -9.78 20.18
C ASP B 124 4.72 -9.98 21.65
N GLU B 125 3.91 -10.79 22.35
CA GLU B 125 4.13 -10.98 23.79
C GLU B 125 5.35 -11.87 24.09
N LEU B 126 5.75 -12.68 23.12
CA LEU B 126 6.94 -13.50 23.26
C LEU B 126 8.21 -12.71 22.89
N GLY B 127 8.01 -11.56 22.25
CA GLY B 127 9.13 -10.73 21.84
C GLY B 127 9.81 -11.25 20.58
N LEU B 128 9.07 -12.03 19.81
CA LEU B 128 9.63 -12.64 18.60
C LEU B 128 9.06 -11.98 17.34
N PRO B 129 9.86 -11.93 16.26
CA PRO B 129 9.28 -11.50 14.98
C PRO B 129 8.31 -12.57 14.54
N LEU B 130 7.31 -12.22 13.72
CA LEU B 130 6.26 -13.15 13.35
C LEU B 130 6.77 -14.46 12.75
N TYR B 131 7.73 -14.36 11.83
CA TYR B 131 8.25 -15.53 11.13
C TYR B 131 8.97 -16.51 12.08
N GLU B 132 9.62 -15.96 13.09
CA GLU B 132 10.30 -16.79 14.09
C GLU B 132 9.27 -17.54 14.92
N TYR B 133 8.23 -16.84 15.33
CA TYR B 133 7.17 -17.45 16.12
C TYR B 133 6.43 -18.52 15.33
N LEU B 134 6.13 -18.22 14.07
CA LEU B 134 5.36 -19.14 13.23
C LEU B 134 6.13 -20.38 12.81
N GLY B 135 7.44 -20.22 12.59
CA GLY B 135 8.23 -21.28 12.02
C GLY B 135 9.28 -21.91 12.92
N GLY B 136 9.61 -21.23 14.01
CA GLY B 136 10.61 -21.75 14.93
C GLY B 136 12.02 -21.38 14.52
N PRO B 137 13.02 -21.98 15.18
CA PRO B 137 14.44 -21.66 14.97
C PRO B 137 15.00 -21.95 13.58
N ASN B 138 14.35 -22.81 12.78
CA ASN B 138 14.86 -23.09 11.44
C ASN B 138 14.08 -22.38 10.32
N ALA B 139 13.27 -21.40 10.70
CA ALA B 139 12.65 -20.52 9.71
C ALA B 139 13.74 -19.61 9.17
N HIS B 140 14.11 -19.80 7.91
CA HIS B 140 15.26 -19.07 7.35
C HIS B 140 15.28 -18.92 5.83
N VAL B 141 14.39 -19.61 5.13
CA VAL B 141 14.41 -19.58 3.67
C VAL B 141 13.58 -18.43 3.09
N LEU B 142 14.26 -17.52 2.41
CA LEU B 142 13.57 -16.43 1.73
C LEU B 142 13.06 -16.90 0.38
N PRO B 143 11.84 -16.49 0.02
CA PRO B 143 11.14 -17.05 -1.15
C PRO B 143 11.63 -16.48 -2.47
N THR B 144 11.60 -17.31 -3.51
CA THR B 144 11.80 -16.83 -4.87
C THR B 144 10.46 -16.30 -5.34
N PRO B 145 10.38 -14.99 -5.59
CA PRO B 145 9.10 -14.36 -5.91
C PRO B 145 8.76 -14.40 -7.40
N MET B 146 7.48 -14.63 -7.71
CA MET B 146 6.99 -14.44 -9.07
C MET B 146 6.16 -13.16 -9.13
N MET B 147 6.58 -12.21 -9.96
CA MET B 147 6.01 -10.87 -9.96
C MET B 147 5.14 -10.59 -11.19
N ASN B 148 3.87 -10.25 -10.95
CA ASN B 148 2.88 -10.06 -12.01
C ASN B 148 2.97 -8.72 -12.74
N VAL B 149 3.76 -8.68 -13.82
CA VAL B 149 4.06 -7.43 -14.50
C VAL B 149 3.22 -7.13 -15.76
N ILE B 150 2.70 -8.18 -16.40
CA ILE B 150 1.83 -8.01 -17.56
C ILE B 150 0.52 -8.78 -17.33
N ASN B 151 -0.62 -8.14 -17.59
CA ASN B 151 -1.92 -8.74 -17.30
C ASN B 151 -2.77 -8.99 -18.53
N GLY B 152 -3.70 -9.94 -18.39
CA GLY B 152 -4.69 -10.22 -19.41
C GLY B 152 -5.98 -10.69 -18.77
N ASN B 159 -9.20 -9.50 -26.06
CA ASN B 159 -7.92 -8.98 -25.62
C ASN B 159 -6.89 -10.10 -25.43
N VAL B 160 -6.48 -10.32 -24.19
CA VAL B 160 -5.54 -11.39 -23.87
C VAL B 160 -6.24 -12.40 -22.95
N ASP B 161 -6.01 -13.69 -23.19
CA ASP B 161 -6.68 -14.75 -22.42
C ASP B 161 -5.99 -15.05 -21.08
N ILE B 162 -4.68 -15.33 -21.14
CA ILE B 162 -3.90 -15.59 -19.94
C ILE B 162 -3.95 -14.40 -19.00
N GLN B 163 -4.12 -14.67 -17.71
CA GLN B 163 -4.45 -13.66 -16.71
C GLN B 163 -3.24 -12.93 -16.11
N GLU B 164 -2.21 -13.68 -15.76
CA GLU B 164 -1.01 -13.10 -15.15
C GLU B 164 0.24 -13.54 -15.89
N PHE B 165 1.09 -12.57 -16.26
CA PHE B 165 2.41 -12.88 -16.80
C PHE B 165 3.46 -12.39 -15.82
N MET B 166 4.31 -13.31 -15.36
CA MET B 166 5.20 -13.01 -14.26
C MET B 166 6.68 -13.20 -14.58
N ILE B 167 7.52 -12.40 -13.93
CA ILE B 167 8.96 -12.61 -13.95
C ILE B 167 9.40 -13.17 -12.60
N MET B 168 10.40 -14.05 -12.62
CA MET B 168 10.84 -14.75 -11.41
C MET B 168 12.36 -14.86 -11.39
N PRO B 169 13.01 -14.03 -10.54
CA PRO B 169 14.47 -13.95 -10.42
C PRO B 169 15.11 -15.20 -9.83
N VAL B 170 15.14 -16.27 -10.62
CA VAL B 170 15.67 -17.54 -10.14
C VAL B 170 17.20 -17.57 -10.07
N GLY B 171 17.83 -16.54 -10.62
CA GLY B 171 19.28 -16.47 -10.65
C GLY B 171 19.86 -15.54 -9.60
N ALA B 172 18.98 -14.89 -8.84
CA ALA B 172 19.42 -14.01 -7.77
C ALA B 172 20.05 -14.83 -6.65
N LYS B 173 20.93 -14.20 -5.86
CA LYS B 173 21.59 -14.91 -4.77
C LYS B 173 21.07 -14.48 -3.40
N SER B 174 20.16 -13.51 -3.39
CA SER B 174 19.51 -13.07 -2.16
C SER B 174 18.15 -12.51 -2.51
N LEU B 175 17.29 -12.34 -1.51
CA LEU B 175 15.98 -11.76 -1.75
C LEU B 175 16.13 -10.30 -2.17
N HIS B 176 17.05 -9.60 -1.51
CA HIS B 176 17.36 -8.21 -1.85
C HIS B 176 17.68 -8.07 -3.33
N GLU B 177 18.54 -8.96 -3.83
CA GLU B 177 18.91 -8.95 -5.24
C GLU B 177 17.70 -9.30 -6.11
N ALA B 178 16.90 -10.25 -5.66
CA ALA B 178 15.69 -10.64 -6.37
C ALA B 178 14.74 -9.45 -6.54
N VAL B 179 14.60 -8.66 -5.48
CA VAL B 179 13.74 -7.48 -5.51
C VAL B 179 14.28 -6.41 -6.45
N ARG B 180 15.60 -6.18 -6.40
CA ARG B 180 16.23 -5.19 -7.25
C ARG B 180 16.13 -5.57 -8.72
N MET B 181 16.39 -6.85 -9.02
CA MET B 181 16.29 -7.35 -10.39
C MET B 181 14.87 -7.20 -10.91
N GLY B 182 13.89 -7.47 -10.06
CA GLY B 182 12.49 -7.33 -10.42
C GLY B 182 12.12 -5.88 -10.68
N ALA B 183 12.56 -4.99 -9.80
CA ALA B 183 12.27 -3.57 -9.93
C ALA B 183 12.91 -2.97 -11.18
N GLU B 184 14.19 -3.27 -11.40
CA GLU B 184 14.90 -2.78 -12.58
C GLU B 184 14.26 -3.27 -13.87
N THR B 185 13.81 -4.53 -13.88
CA THR B 185 13.17 -5.11 -15.05
C THR B 185 11.78 -4.51 -15.27
N PHE B 186 11.07 -4.24 -14.18
CA PHE B 186 9.74 -3.63 -14.23
C PHE B 186 9.82 -2.25 -14.86
N HIS B 187 10.80 -1.46 -14.44
CA HIS B 187 10.97 -0.10 -14.94
C HIS B 187 11.53 -0.08 -16.35
N THR B 188 12.23 -1.15 -16.72
CA THR B 188 12.67 -1.33 -18.09
C THR B 188 11.47 -1.63 -18.96
N LEU B 189 10.61 -2.52 -18.47
CA LEU B 189 9.37 -2.88 -19.13
C LEU B 189 8.48 -1.65 -19.33
N LYS B 190 8.45 -0.80 -18.31
CA LYS B 190 7.67 0.43 -18.34
C LYS B 190 8.13 1.36 -19.46
N GLY B 191 9.46 1.52 -19.57
CA GLY B 191 10.04 2.31 -20.64
C GLY B 191 9.76 1.70 -22.00
N LEU B 192 9.85 0.38 -22.07
CA LEU B 192 9.58 -0.36 -23.30
C LEU B 192 8.15 -0.13 -23.79
N LEU B 193 7.20 -0.18 -22.88
CA LEU B 193 5.80 0.05 -23.22
C LEU B 193 5.54 1.48 -23.64
N GLN B 194 6.24 2.41 -23.02
CA GLN B 194 6.12 3.83 -23.35
C GLN B 194 6.59 4.13 -24.77
N GLU B 195 7.62 3.42 -25.21
CA GLU B 195 8.11 3.54 -26.58
C GLU B 195 7.04 3.12 -27.57
N ARG B 196 6.33 2.03 -27.27
CA ARG B 196 5.32 1.46 -28.17
C ARG B 196 3.95 2.13 -28.01
N GLY B 197 3.91 3.24 -27.28
CA GLY B 197 2.70 4.03 -27.14
C GLY B 197 1.65 3.41 -26.25
N GLU B 198 2.09 2.56 -25.32
CA GLU B 198 1.18 1.91 -24.39
C GLU B 198 1.06 2.71 -23.09
N SER B 199 -0.05 2.53 -22.39
CA SER B 199 -0.27 3.18 -21.10
C SER B 199 0.60 2.53 -20.03
N THR B 200 1.09 3.34 -19.09
CA THR B 200 1.87 2.82 -17.97
C THR B 200 1.07 2.86 -16.68
N ALA B 201 -0.24 3.01 -16.81
CA ALA B 201 -1.15 2.86 -15.68
C ALA B 201 -1.20 1.38 -15.31
N VAL B 202 -1.56 1.08 -14.07
CA VAL B 202 -1.44 -0.29 -13.58
C VAL B 202 -2.76 -0.93 -13.15
N GLY B 203 -2.83 -2.25 -13.23
CA GLY B 203 -4.00 -2.99 -12.78
C GLY B 203 -3.96 -3.18 -11.28
N ASP B 204 -4.83 -4.06 -10.78
CA ASP B 204 -4.97 -4.28 -9.34
C ASP B 204 -3.69 -4.72 -8.63
N GLU B 205 -2.82 -5.44 -9.35
CA GLU B 205 -1.65 -6.03 -8.73
C GLU B 205 -0.34 -5.29 -9.05
N GLY B 206 -0.46 -4.14 -9.69
CA GLY B 206 0.69 -3.28 -9.91
C GLY B 206 1.38 -3.46 -11.24
N GLY B 207 0.86 -4.36 -12.07
CA GLY B 207 1.45 -4.64 -13.36
C GLY B 207 0.72 -3.88 -14.46
N PHE B 208 1.21 -4.00 -15.68
CA PHE B 208 0.61 -3.29 -16.80
C PHE B 208 -0.35 -4.19 -17.58
N ALA B 209 -1.35 -3.57 -18.20
CA ALA B 209 -2.25 -4.29 -19.09
C ALA B 209 -2.34 -3.60 -20.44
N PRO B 210 -1.27 -3.72 -21.26
CA PRO B 210 -1.29 -3.11 -22.59
C PRO B 210 -2.11 -3.95 -23.56
N ASN B 211 -2.24 -3.51 -24.81
CA ASN B 211 -3.04 -4.23 -25.79
C ASN B 211 -2.18 -5.03 -26.78
N ASN B 215 -2.00 -13.73 -26.97
CA ASN B 215 -1.56 -14.51 -25.81
C ASN B 215 -0.05 -14.74 -25.78
N GLU B 216 0.59 -14.68 -26.93
CA GLU B 216 2.03 -14.94 -27.02
C GLU B 216 2.86 -13.67 -26.96
N GLU B 217 2.26 -12.54 -27.32
CA GLU B 217 2.95 -11.24 -27.33
C GLU B 217 3.60 -10.86 -25.99
N PRO B 218 2.89 -11.05 -24.85
CA PRO B 218 3.53 -10.77 -23.56
C PRO B 218 4.79 -11.57 -23.28
N PHE B 219 4.89 -12.80 -23.80
CA PHE B 219 6.11 -13.61 -23.63
C PHE B 219 7.29 -12.94 -24.32
N GLU B 220 7.04 -12.41 -25.52
CA GLU B 220 8.08 -11.69 -26.27
C GLU B 220 8.48 -10.43 -25.51
N ILE B 221 7.48 -9.72 -24.99
CA ILE B 221 7.71 -8.47 -24.28
C ILE B 221 8.54 -8.67 -23.01
N LEU B 222 8.22 -9.73 -22.26
CA LEU B 222 8.97 -10.06 -21.04
C LEU B 222 10.43 -10.37 -21.33
N VAL B 223 10.67 -11.21 -22.33
CA VAL B 223 12.03 -11.58 -22.72
C VAL B 223 12.83 -10.35 -23.13
N GLU B 224 12.22 -9.47 -23.92
CA GLU B 224 12.86 -8.24 -24.34
C GLU B 224 13.20 -7.36 -23.15
N ALA B 225 12.23 -7.19 -22.26
CA ALA B 225 12.42 -6.36 -21.06
C ALA B 225 13.54 -6.90 -20.17
N ILE B 226 13.57 -8.22 -19.99
CA ILE B 226 14.62 -8.88 -19.23
C ILE B 226 15.99 -8.60 -19.84
N GLN B 227 16.09 -8.79 -21.16
CA GLN B 227 17.34 -8.56 -21.88
C GLN B 227 17.78 -7.10 -21.81
N ARG B 228 16.83 -6.19 -21.98
CA ARG B 228 17.12 -4.76 -21.91
C ARG B 228 17.66 -4.34 -20.55
N ALA B 229 17.14 -4.95 -19.48
CA ALA B 229 17.59 -4.64 -18.13
C ALA B 229 18.95 -5.28 -17.84
N GLY B 230 19.48 -6.01 -18.82
CA GLY B 230 20.82 -6.57 -18.71
C GLY B 230 20.88 -7.93 -18.05
N TYR B 231 19.76 -8.63 -18.02
CA TYR B 231 19.71 -9.96 -17.40
C TYR B 231 19.48 -11.07 -18.43
N LYS B 232 19.89 -12.28 -18.08
CA LYS B 232 19.71 -13.44 -18.94
C LYS B 232 18.35 -14.08 -18.70
N PRO B 233 17.50 -14.11 -19.74
CA PRO B 233 16.22 -14.82 -19.65
C PRO B 233 16.46 -16.30 -19.38
N GLY B 234 15.75 -16.85 -18.40
CA GLY B 234 15.93 -18.24 -18.03
C GLY B 234 16.86 -18.41 -16.85
N GLN B 235 18.13 -18.04 -17.03
CA GLN B 235 19.15 -18.22 -16.00
C GLN B 235 19.03 -17.21 -14.85
N ASP B 236 18.89 -15.93 -15.21
CA ASP B 236 18.73 -14.88 -14.20
C ASP B 236 17.27 -14.68 -13.84
N ILE B 237 16.43 -14.48 -14.86
CA ILE B 237 15.01 -14.27 -14.67
C ILE B 237 14.19 -15.17 -15.59
N ALA B 238 13.36 -16.02 -14.99
CA ALA B 238 12.49 -16.89 -15.77
C ALA B 238 11.07 -16.33 -15.82
N ILE B 239 10.18 -17.03 -16.51
CA ILE B 239 8.81 -16.58 -16.69
C ILE B 239 7.80 -17.56 -16.09
N ALA B 240 6.79 -17.04 -15.40
CA ALA B 240 5.67 -17.84 -14.95
C ALA B 240 4.38 -17.17 -15.38
N PHE B 241 3.32 -17.95 -15.53
CA PHE B 241 2.03 -17.36 -15.85
C PHE B 241 0.84 -18.10 -15.28
N ASP B 242 -0.22 -17.35 -15.00
CA ASP B 242 -1.47 -17.91 -14.49
C ASP B 242 -2.54 -17.76 -15.56
N CYS B 243 -2.93 -18.88 -16.16
CA CYS B 243 -3.95 -18.88 -17.19
C CYS B 243 -5.32 -18.56 -16.60
N ALA B 244 -5.59 -19.14 -15.44
CA ALA B 244 -6.90 -19.05 -14.81
C ALA B 244 -8.00 -19.39 -15.81
N ALA B 245 -7.87 -20.56 -16.44
CA ALA B 245 -8.72 -20.94 -17.57
C ALA B 245 -10.20 -21.07 -17.24
N SER B 246 -10.53 -21.06 -15.94
CA SER B 246 -11.92 -21.12 -15.50
C SER B 246 -12.70 -19.91 -15.99
N GLU B 247 -11.98 -18.84 -16.30
CA GLU B 247 -12.59 -17.57 -16.71
C GLU B 247 -13.00 -17.56 -18.19
N PHE B 248 -12.33 -18.35 -19.01
CA PHE B 248 -12.71 -18.48 -20.42
C PHE B 248 -13.00 -19.93 -20.82
N TYR B 249 -13.71 -20.63 -19.96
CA TYR B 249 -14.14 -22.00 -20.24
C TYR B 249 -15.64 -22.05 -20.52
N TRP B 270 -5.63 -25.03 -24.55
CA TRP B 270 -5.33 -26.44 -24.75
C TRP B 270 -3.88 -26.79 -24.33
N THR B 271 -3.66 -28.06 -24.00
CA THR B 271 -2.38 -28.55 -23.49
C THR B 271 -1.19 -28.36 -24.45
N SER B 272 -1.41 -28.59 -25.74
CA SER B 272 -0.34 -28.51 -26.74
C SER B 272 0.11 -27.08 -27.02
N LEU B 273 -0.82 -26.13 -26.95
CA LEU B 273 -0.46 -24.71 -27.11
C LEU B 273 0.39 -24.26 -25.93
N ILE B 274 -0.04 -24.63 -24.73
CA ILE B 274 0.71 -24.34 -23.51
C ILE B 274 2.12 -24.92 -23.61
N GLU B 275 2.21 -26.16 -24.07
CA GLU B 275 3.50 -26.84 -24.18
C GLU B 275 4.42 -26.18 -25.22
N ASP B 276 3.82 -25.59 -26.25
CA ASP B 276 4.61 -24.86 -27.23
C ASP B 276 5.22 -23.61 -26.59
N LEU B 277 4.40 -22.88 -25.84
CA LEU B 277 4.86 -21.71 -25.09
C LEU B 277 5.99 -22.09 -24.14
N VAL B 278 5.77 -23.19 -23.41
CA VAL B 278 6.74 -23.70 -22.45
C VAL B 278 8.09 -24.03 -23.09
N ASP B 279 8.06 -24.70 -24.24
CA ASP B 279 9.29 -25.07 -24.93
C ASP B 279 9.92 -23.87 -25.66
N LYS B 280 9.08 -22.95 -26.11
CA LYS B 280 9.56 -21.77 -26.84
C LYS B 280 10.23 -20.77 -25.89
N TYR B 281 9.56 -20.48 -24.78
CA TYR B 281 10.00 -19.43 -23.87
C TYR B 281 10.54 -20.00 -22.55
N PRO B 282 11.41 -19.24 -21.85
CA PRO B 282 11.98 -19.74 -20.60
C PRO B 282 10.95 -19.76 -19.47
N VAL B 283 9.93 -20.62 -19.60
CA VAL B 283 8.88 -20.74 -18.60
C VAL B 283 9.25 -21.75 -17.52
N ILE B 284 9.03 -21.39 -16.25
CA ILE B 284 9.36 -22.27 -15.13
C ILE B 284 8.09 -22.72 -14.40
N SER B 285 7.02 -21.95 -14.52
CA SER B 285 5.78 -22.26 -13.82
C SER B 285 4.53 -21.85 -14.60
N VAL B 286 3.51 -22.71 -14.58
CA VAL B 286 2.22 -22.42 -15.18
C VAL B 286 1.09 -22.76 -14.20
N GLU B 287 0.16 -21.83 -14.01
CA GLU B 287 -0.89 -21.97 -13.01
C GLU B 287 -2.28 -22.04 -13.64
N ASP B 288 -3.14 -22.87 -13.05
CA ASP B 288 -4.49 -23.13 -13.57
C ASP B 288 -4.60 -23.17 -15.10
N PRO B 289 -3.82 -24.06 -15.75
CA PRO B 289 -3.91 -24.10 -17.22
C PRO B 289 -5.22 -24.73 -17.70
N LEU B 290 -6.03 -25.25 -16.78
CA LEU B 290 -7.32 -25.85 -17.11
C LEU B 290 -8.38 -25.49 -16.08
N ASP B 291 -9.65 -25.76 -16.39
CA ASP B 291 -10.78 -25.36 -15.54
C ASP B 291 -10.72 -25.93 -14.11
N GLU B 292 -11.28 -25.20 -13.16
CA GLU B 292 -11.25 -25.57 -11.74
C GLU B 292 -11.90 -26.91 -11.41
N ASN B 293 -12.75 -27.42 -12.31
CA ASN B 293 -13.45 -28.67 -12.07
C ASN B 293 -13.11 -29.78 -13.07
N ASP B 294 -12.11 -29.55 -13.91
CA ASP B 294 -11.71 -30.51 -14.93
C ASP B 294 -10.57 -31.40 -14.42
N TRP B 295 -10.90 -32.29 -13.49
CA TRP B 295 -9.92 -33.15 -12.83
C TRP B 295 -9.21 -34.12 -13.77
N GLU B 296 -9.96 -34.63 -14.76
CA GLU B 296 -9.40 -35.58 -15.70
C GLU B 296 -8.41 -34.93 -16.66
N GLY B 297 -8.77 -33.75 -17.15
CA GLY B 297 -7.91 -33.00 -18.05
C GLY B 297 -6.60 -32.59 -17.41
N TRP B 298 -6.66 -32.23 -16.13
CA TRP B 298 -5.47 -31.87 -15.36
C TRP B 298 -4.46 -33.01 -15.28
N LYS B 299 -4.94 -34.20 -14.97
CA LYS B 299 -4.09 -35.38 -14.88
C LYS B 299 -3.34 -35.64 -16.18
N THR B 300 -4.05 -35.44 -17.29
CA THR B 300 -3.45 -35.57 -18.62
C THR B 300 -2.35 -34.52 -18.80
N PHE B 301 -2.67 -33.27 -18.49
CA PHE B 301 -1.74 -32.15 -18.58
C PHE B 301 -0.45 -32.45 -17.80
N THR B 302 -0.62 -32.88 -16.55
CA THR B 302 0.52 -33.11 -15.66
C THR B 302 1.44 -34.21 -16.17
N GLU B 303 0.85 -35.27 -16.72
CA GLU B 303 1.62 -36.36 -17.31
C GLU B 303 2.60 -35.85 -18.36
N ARG B 304 2.12 -34.95 -19.20
CA ARG B 304 2.88 -34.43 -20.33
C ARG B 304 3.93 -33.41 -19.89
N LEU B 305 3.53 -32.50 -19.01
CA LEU B 305 4.36 -31.34 -18.69
C LEU B 305 4.97 -31.32 -17.29
N GLY B 306 4.56 -32.25 -16.44
CA GLY B 306 5.02 -32.29 -15.05
C GLY B 306 6.53 -32.41 -14.88
N ASP B 307 7.22 -32.83 -15.93
CA ASP B 307 8.67 -33.00 -15.87
C ASP B 307 9.39 -31.74 -16.34
N LYS B 308 8.69 -30.93 -17.15
CA LYS B 308 9.27 -29.71 -17.71
C LYS B 308 9.10 -28.51 -16.80
N VAL B 309 7.88 -28.34 -16.27
CA VAL B 309 7.54 -27.12 -15.56
C VAL B 309 6.72 -27.35 -14.29
N GLN B 310 6.81 -26.38 -13.38
CA GLN B 310 5.94 -26.33 -12.22
C GLN B 310 4.51 -26.12 -12.68
N ILE B 311 3.59 -26.93 -12.14
CA ILE B 311 2.18 -26.84 -12.47
C ILE B 311 1.39 -26.52 -11.20
N VAL B 312 0.86 -25.30 -11.12
CA VAL B 312 0.22 -24.82 -9.89
C VAL B 312 -1.30 -24.86 -9.97
N GLY B 313 -1.91 -25.50 -8.98
CA GLY B 313 -3.36 -25.47 -8.85
C GLY B 313 -3.75 -24.36 -7.89
N ASP B 314 -4.64 -23.48 -8.35
CA ASP B 314 -5.11 -22.36 -7.53
C ASP B 314 -6.60 -22.53 -7.25
N ASP B 315 -7.43 -22.28 -8.25
CA ASP B 315 -8.87 -22.49 -8.14
C ASP B 315 -9.16 -23.99 -8.02
N LEU B 316 -8.22 -24.80 -8.46
CA LEU B 316 -8.34 -26.25 -8.41
C LEU B 316 -8.29 -26.81 -6.98
N PHE B 317 -7.44 -26.21 -6.15
CA PHE B 317 -7.21 -26.71 -4.80
C PHE B 317 -7.82 -25.83 -3.71
N VAL B 318 -8.01 -24.55 -4.01
CA VAL B 318 -8.49 -23.53 -3.06
C VAL B 318 -7.97 -23.64 -1.62
N THR B 319 -6.68 -23.94 -1.48
CA THR B 319 -6.02 -24.02 -0.16
C THR B 319 -6.80 -24.96 0.77
N ASN B 320 -7.35 -26.02 0.20
CA ASN B 320 -8.17 -26.97 0.93
C ASN B 320 -7.57 -28.37 0.86
N THR B 321 -7.25 -28.94 2.01
CA THR B 321 -6.59 -30.24 2.07
C THR B 321 -7.39 -31.37 1.41
N SER B 322 -8.72 -31.26 1.48
CA SER B 322 -9.59 -32.25 0.85
C SER B 322 -9.40 -32.27 -0.67
N TYR B 323 -9.16 -31.10 -1.25
CA TYR B 323 -8.94 -30.98 -2.69
C TYR B 323 -7.51 -31.34 -3.09
N LEU B 324 -6.55 -30.90 -2.29
CA LEU B 324 -5.14 -31.21 -2.54
C LEU B 324 -4.87 -32.70 -2.46
N GLU B 325 -5.44 -33.35 -1.46
CA GLU B 325 -5.32 -34.80 -1.27
C GLU B 325 -5.78 -35.55 -2.52
N LYS B 326 -6.91 -35.12 -3.08
CA LYS B 326 -7.44 -35.72 -4.30
C LYS B 326 -6.44 -35.60 -5.45
N GLY B 327 -5.86 -34.42 -5.62
CA GLY B 327 -4.91 -34.16 -6.68
C GLY B 327 -3.64 -34.97 -6.56
N ILE B 328 -3.16 -35.14 -5.33
CA ILE B 328 -1.96 -35.93 -5.07
C ILE B 328 -2.18 -37.39 -5.44
N LYS B 329 -3.33 -37.93 -5.07
CA LYS B 329 -3.68 -39.31 -5.39
C LYS B 329 -3.82 -39.54 -6.89
N MET B 330 -4.30 -38.52 -7.60
CA MET B 330 -4.52 -38.63 -9.04
C MET B 330 -3.27 -38.24 -9.83
N GLY B 331 -2.25 -37.75 -9.15
CA GLY B 331 -1.07 -37.25 -9.81
C GLY B 331 -1.38 -35.99 -10.60
N VAL B 332 -2.21 -35.13 -10.02
CA VAL B 332 -2.61 -33.88 -10.65
C VAL B 332 -1.81 -32.71 -10.08
N ALA B 333 -1.20 -31.93 -10.96
CA ALA B 333 -0.34 -30.81 -10.60
C ALA B 333 0.88 -31.24 -9.78
N ASN B 334 1.77 -30.28 -9.49
CA ASN B 334 2.91 -30.54 -8.63
C ASN B 334 3.20 -29.34 -7.73
N SER B 335 2.19 -28.50 -7.56
CA SER B 335 2.32 -27.27 -6.80
C SER B 335 0.94 -26.76 -6.41
N ILE B 336 0.86 -26.05 -5.29
CA ILE B 336 -0.40 -25.46 -4.86
C ILE B 336 -0.21 -24.00 -4.49
N LEU B 337 -1.16 -23.16 -4.92
CA LEU B 337 -1.16 -21.76 -4.53
C LEU B 337 -1.85 -21.63 -3.18
N ILE B 338 -1.11 -21.15 -2.19
CA ILE B 338 -1.61 -21.08 -0.81
C ILE B 338 -2.22 -19.72 -0.49
N LYS B 339 -3.54 -19.71 -0.31
CA LYS B 339 -4.25 -18.48 0.03
C LYS B 339 -5.00 -18.63 1.35
N LEU B 340 -4.55 -17.87 2.35
CA LEU B 340 -5.13 -17.91 3.70
C LEU B 340 -6.65 -17.79 3.74
N ASN B 341 -7.20 -16.79 3.04
CA ASN B 341 -8.63 -16.53 3.11
C ASN B 341 -9.49 -17.47 2.25
N GLN B 342 -8.83 -18.34 1.49
CA GLN B 342 -9.53 -19.38 0.75
C GLN B 342 -9.99 -20.48 1.69
N ILE B 343 -9.31 -20.61 2.83
CA ILE B 343 -9.64 -21.66 3.79
C ILE B 343 -10.12 -21.10 5.14
N GLY B 344 -9.55 -19.99 5.58
CA GLY B 344 -10.11 -19.27 6.71
C GLY B 344 -9.38 -19.27 8.04
N THR B 345 -8.42 -20.18 8.21
CA THR B 345 -7.62 -20.19 9.43
C THR B 345 -6.14 -20.40 9.13
N LEU B 346 -5.29 -19.89 10.03
CA LEU B 346 -3.84 -20.07 9.90
C LEU B 346 -3.49 -21.54 10.03
N THR B 347 -4.17 -22.24 10.93
CA THR B 347 -3.92 -23.66 11.18
C THR B 347 -4.17 -24.51 9.94
N GLU B 348 -5.32 -24.32 9.30
CA GLU B 348 -5.65 -25.06 8.08
C GLU B 348 -4.71 -24.72 6.93
N THR B 349 -4.12 -23.52 7.00
CA THR B 349 -3.16 -23.09 5.99
C THR B 349 -1.81 -23.79 6.20
N PHE B 350 -1.40 -23.89 7.46
CA PHE B 350 -0.22 -24.67 7.83
C PHE B 350 -0.38 -26.11 7.33
N GLU B 351 -1.58 -26.65 7.52
CA GLU B 351 -1.86 -28.04 7.16
C GLU B 351 -1.81 -28.28 5.65
N ALA B 352 -2.28 -27.30 4.88
CA ALA B 352 -2.21 -27.40 3.42
C ALA B 352 -0.76 -27.35 2.95
N ILE B 353 0.00 -26.40 3.49
CA ILE B 353 1.41 -26.25 3.15
C ILE B 353 2.21 -27.53 3.45
N GLU B 354 1.97 -28.11 4.62
CA GLU B 354 2.73 -29.29 5.04
C GLU B 354 2.32 -30.54 4.26
N MET B 355 1.03 -30.66 3.95
CA MET B 355 0.56 -31.77 3.12
C MET B 355 1.20 -31.70 1.74
N ALA B 356 1.26 -30.50 1.19
CA ALA B 356 1.86 -30.28 -0.13
C ALA B 356 3.33 -30.69 -0.13
N LYS B 357 4.08 -30.25 0.88
CA LYS B 357 5.50 -30.58 1.00
C LYS B 357 5.73 -32.08 1.01
N GLU B 358 4.98 -32.78 1.85
CA GLU B 358 5.14 -34.23 2.01
C GLU B 358 4.78 -35.00 0.74
N ALA B 359 4.10 -34.34 -0.18
CA ALA B 359 3.76 -34.96 -1.46
C ALA B 359 4.75 -34.54 -2.55
N GLY B 360 5.76 -33.77 -2.18
CA GLY B 360 6.75 -33.30 -3.13
C GLY B 360 6.25 -32.11 -3.93
N TYR B 361 5.15 -31.53 -3.46
CA TYR B 361 4.57 -30.34 -4.09
C TYR B 361 5.16 -29.09 -3.44
N THR B 362 5.40 -28.06 -4.25
CA THR B 362 5.77 -26.76 -3.70
C THR B 362 4.51 -26.05 -3.24
N ALA B 363 4.66 -25.19 -2.24
CA ALA B 363 3.54 -24.38 -1.76
C ALA B 363 3.85 -22.91 -2.01
N VAL B 364 3.16 -22.30 -2.97
CA VAL B 364 3.38 -20.90 -3.31
C VAL B 364 2.43 -20.00 -2.52
N VAL B 365 2.95 -19.36 -1.47
CA VAL B 365 2.16 -18.45 -0.65
C VAL B 365 1.74 -17.24 -1.47
N SER B 366 0.47 -16.90 -1.43
CA SER B 366 -0.08 -15.94 -2.38
C SER B 366 -0.90 -14.81 -1.77
N HIS B 367 -0.82 -13.65 -2.40
CA HIS B 367 -1.70 -12.52 -2.08
C HIS B 367 -3.06 -12.75 -2.72
N ARG B 368 -3.99 -11.83 -2.50
CA ARG B 368 -5.21 -11.77 -3.31
C ARG B 368 -5.14 -10.48 -4.12
N SER B 369 -5.94 -10.38 -5.18
CA SER B 369 -5.93 -9.18 -6.01
C SER B 369 -6.36 -7.94 -5.22
N GLY B 370 -7.13 -8.16 -4.15
CA GLY B 370 -7.48 -7.12 -3.21
C GLY B 370 -6.65 -7.29 -1.96
N GLU B 371 -5.56 -6.52 -1.87
CA GLU B 371 -4.63 -6.63 -0.75
C GLU B 371 -4.76 -5.49 0.24
N THR B 372 -3.99 -5.55 1.32
CA THR B 372 -4.01 -4.51 2.34
C THR B 372 -2.58 -4.20 2.81
N GLU B 373 -2.47 -3.39 3.86
CA GLU B 373 -1.17 -3.05 4.43
C GLU B 373 -0.61 -4.18 5.31
N ASP B 374 -1.39 -5.25 5.46
CA ASP B 374 -0.98 -6.43 6.20
C ASP B 374 0.12 -7.16 5.44
N THR B 375 1.17 -7.58 6.14
CA THR B 375 2.29 -8.28 5.51
C THR B 375 2.50 -9.69 6.03
N THR B 376 1.44 -10.30 6.56
CA THR B 376 1.54 -11.62 7.18
C THR B 376 2.14 -12.70 6.28
N ILE B 377 1.79 -12.69 5.00
CA ILE B 377 2.24 -13.74 4.09
C ILE B 377 3.77 -13.75 3.91
N ALA B 378 4.41 -12.60 4.10
CA ALA B 378 5.86 -12.53 4.04
C ALA B 378 6.47 -13.36 5.16
N ASP B 379 5.99 -13.15 6.39
CA ASP B 379 6.45 -13.91 7.54
C ASP B 379 6.04 -15.37 7.44
N LEU B 380 4.86 -15.62 6.88
CA LEU B 380 4.35 -16.98 6.74
C LEU B 380 5.22 -17.82 5.82
N VAL B 381 5.62 -17.25 4.69
CA VAL B 381 6.38 -18.00 3.69
C VAL B 381 7.82 -18.31 4.16
N VAL B 382 8.38 -17.44 4.99
CA VAL B 382 9.71 -17.68 5.56
C VAL B 382 9.61 -18.69 6.69
N ALA B 383 8.54 -18.57 7.47
CA ALA B 383 8.29 -19.47 8.59
C ALA B 383 8.21 -20.93 8.14
N THR B 384 7.59 -21.15 6.99
CA THR B 384 7.38 -22.50 6.48
C THR B 384 8.46 -22.94 5.50
N ASN B 385 9.41 -22.04 5.23
CA ASN B 385 10.47 -22.30 4.26
C ASN B 385 9.91 -22.80 2.92
N ALA B 386 8.80 -22.22 2.49
CA ALA B 386 8.09 -22.67 1.30
C ALA B 386 8.91 -22.47 0.02
N GLY B 387 9.70 -21.40 -0.02
CA GLY B 387 10.63 -21.20 -1.12
C GLY B 387 10.14 -20.34 -2.26
N GLN B 388 8.83 -20.12 -2.32
CA GLN B 388 8.23 -19.29 -3.36
C GLN B 388 7.14 -18.38 -2.80
N ILE B 389 6.99 -17.22 -3.41
CA ILE B 389 5.89 -16.33 -3.07
C ILE B 389 5.30 -15.68 -4.33
N LYS B 390 3.99 -15.44 -4.31
CA LYS B 390 3.35 -14.66 -5.36
C LYS B 390 2.63 -13.50 -4.69
N THR B 391 3.26 -12.33 -4.70
CA THR B 391 2.70 -11.19 -3.99
C THR B 391 2.69 -9.89 -4.79
N GLY B 392 2.77 -10.00 -6.12
CA GLY B 392 2.51 -8.86 -6.98
C GLY B 392 3.67 -8.28 -7.76
N SER B 393 3.36 -7.27 -8.56
CA SER B 393 4.35 -6.57 -9.37
C SER B 393 5.21 -5.64 -8.52
N MET B 394 6.04 -4.84 -9.18
CA MET B 394 6.93 -3.93 -8.46
C MET B 394 6.36 -2.53 -8.30
N SER B 395 5.06 -2.43 -8.10
CA SER B 395 4.43 -1.15 -7.76
C SER B 395 3.19 -1.42 -6.92
N ARG B 396 2.67 -0.35 -6.31
CA ARG B 396 1.60 -0.40 -5.31
C ARG B 396 2.09 -0.95 -3.98
N THR B 397 1.88 -0.19 -2.91
CA THR B 397 2.31 -0.59 -1.57
C THR B 397 1.60 -1.86 -1.10
N ASP B 398 0.43 -2.14 -1.64
CA ASP B 398 -0.25 -3.39 -1.33
C ASP B 398 0.58 -4.62 -1.73
N ARG B 399 1.51 -4.43 -2.66
CA ARG B 399 2.45 -5.48 -3.04
C ARG B 399 3.82 -5.23 -2.43
N ILE B 400 4.29 -3.98 -2.58
CA ILE B 400 5.62 -3.57 -2.16
C ILE B 400 5.87 -3.79 -0.66
N ALA B 401 4.85 -3.56 0.17
CA ALA B 401 4.98 -3.73 1.61
C ALA B 401 5.41 -5.15 1.96
N LYS B 402 5.00 -6.12 1.15
CA LYS B 402 5.38 -7.52 1.35
C LYS B 402 6.86 -7.71 1.02
N TYR B 403 7.31 -7.11 -0.07
CA TYR B 403 8.72 -7.20 -0.46
C TYR B 403 9.61 -6.48 0.56
N ASN B 404 9.12 -5.36 1.08
CA ASN B 404 9.82 -4.63 2.12
C ASN B 404 10.00 -5.47 3.38
N GLN B 405 8.94 -6.17 3.78
CA GLN B 405 8.98 -7.02 4.97
C GLN B 405 9.94 -8.18 4.77
N LEU B 406 9.94 -8.76 3.57
CA LEU B 406 10.84 -9.85 3.24
C LEU B 406 12.30 -9.39 3.35
N MET B 407 12.56 -8.15 2.93
CA MET B 407 13.90 -7.57 3.06
C MET B 407 14.28 -7.33 4.51
N ARG B 408 13.32 -6.91 5.33
CA ARG B 408 13.55 -6.76 6.76
C ARG B 408 13.86 -8.10 7.39
N ILE B 409 13.18 -9.14 6.91
CA ILE B 409 13.39 -10.50 7.42
C ILE B 409 14.78 -11.01 7.03
N GLU B 410 15.16 -10.77 5.78
CA GLU B 410 16.48 -11.20 5.30
C GLU B 410 17.60 -10.52 6.08
N GLU B 411 17.41 -9.23 6.38
CA GLU B 411 18.40 -8.48 7.15
C GLU B 411 18.53 -9.05 8.55
N ALA B 412 17.39 -9.32 9.20
CA ALA B 412 17.37 -9.88 10.54
C ALA B 412 18.04 -11.26 10.59
N LEU B 413 17.81 -12.07 9.56
CA LEU B 413 18.40 -13.40 9.49
C LEU B 413 19.92 -13.35 9.33
N GLY B 414 20.40 -12.36 8.57
CA GLY B 414 21.82 -12.18 8.36
C GLY B 414 22.45 -13.37 7.65
N SER B 415 23.54 -13.88 8.22
CA SER B 415 24.27 -14.99 7.61
C SER B 415 23.50 -16.30 7.68
N THR B 416 22.45 -16.34 8.49
CA THR B 416 21.65 -17.55 8.66
C THR B 416 20.56 -17.65 7.61
N ALA B 417 20.43 -16.61 6.78
CA ALA B 417 19.42 -16.58 5.73
C ALA B 417 19.80 -17.49 4.58
N GLN B 418 18.81 -17.86 3.77
CA GLN B 418 19.06 -18.64 2.56
C GLN B 418 18.08 -18.27 1.46
N TYR B 419 18.61 -17.94 0.28
CA TYR B 419 17.79 -17.73 -0.91
C TYR B 419 18.14 -18.82 -1.92
N LYS B 420 17.11 -19.53 -2.41
CA LYS B 420 17.33 -20.72 -3.23
C LYS B 420 17.28 -20.49 -4.74
N GLY B 421 16.51 -19.48 -5.18
CA GLY B 421 16.34 -19.22 -6.59
C GLY B 421 15.72 -20.41 -7.31
N ILE B 422 16.39 -20.88 -8.36
CA ILE B 422 15.91 -22.02 -9.14
C ILE B 422 15.82 -23.29 -8.29
N HIS B 423 16.58 -23.32 -7.20
CA HIS B 423 16.61 -24.51 -6.34
C HIS B 423 15.41 -24.60 -5.40
N SER B 424 14.52 -23.61 -5.47
CA SER B 424 13.26 -23.66 -4.73
C SER B 424 12.37 -24.74 -5.31
N PHE B 425 12.62 -25.08 -6.56
CA PHE B 425 11.78 -26.02 -7.30
C PHE B 425 12.17 -27.47 -7.05
N TYR B 426 11.92 -27.94 -5.83
CA TYR B 426 12.19 -29.33 -5.46
C TYR B 426 11.19 -30.29 -6.11
N ASN B 427 10.13 -29.74 -6.69
CA ASN B 427 9.13 -30.54 -7.39
C ASN B 427 9.60 -30.90 -8.80
N LEU B 428 10.70 -30.30 -9.24
CA LEU B 428 11.24 -30.54 -10.58
C LEU B 428 12.49 -31.41 -10.54
#